data_4KIG
#
_entry.id   4KIG
#
_cell.length_a   59.485
_cell.length_b   81.145
_cell.length_c   137.422
_cell.angle_alpha   90.00
_cell.angle_beta   90.00
_cell.angle_gamma   90.00
#
_symmetry.space_group_name_H-M   'P 21 21 21'
#
loop_
_entity.id
_entity.type
_entity.pdbx_description
1 polymer 'Methyltransferase MppJ'
2 non-polymer '3-(4-HYDROXY-PHENYL)PYRUVIC ACID'
3 non-polymer 'FE (III) ION'
4 non-polymer '(2R)-2-HYDROXY-3-(4-HYDROXYPHENYL)PROPANOIC ACID'
5 non-polymer 'CALCIUM ION'
6 water water
#
_entity_poly.entity_id   1
_entity_poly.type   'polypeptide(L)'
_entity_poly.pdbx_seq_one_letter_code
;MGSSHHHHHHSSGLVPRGSHMSTEVSEAQARRAVADIFNSTLASSAIGAAWELGALDELRENGKLDVSDFAVRHDLHEPA
VVGMFTALASVGIVRREGATVVVGPYFDEANHHRSLFHWLNQGSGELFRRMPQVLPNENRTGKFYQRDAGAISYACREIS
ERYFDPAFWAAVDGLGYTPTTVADLGSGSGERLIQIARRFPGVRGLGVDIADGAIAMAEKEVAAKGFGDQISFVRGDART
IDQVSARGEFAEVDLLTCFMMGHDFWPRENCVQTLRKLRAAFPNVRRFLLGDATRTVGIPDRELPVFTLGFEFGHDMMGV
YLPTLDEWDGVFEEGGWRCVKKHAIDSLSVSVVFELE
;
_entity_poly.pdbx_strand_id   A,B
#
loop_
_chem_comp.id
_chem_comp.type
_chem_comp.name
_chem_comp.formula
34H non-polymer '(2R)-2-HYDROXY-3-(4-HYDROXYPHENYL)PROPANOIC ACID' 'C9 H10 O4'
CA non-polymer 'CALCIUM ION' 'Ca 2'
ENO non-polymer '3-(4-HYDROXY-PHENYL)PYRUVIC ACID' 'C9 H8 O4'
FE non-polymer 'FE (III) ION' 'Fe 3'
#
# COMPACT_ATOMS: atom_id res chain seq x y z
N SER A 26 2.77 -22.12 -18.57
CA SER A 26 4.17 -22.47 -18.21
C SER A 26 4.75 -21.62 -17.09
N GLU A 27 5.82 -22.14 -16.50
CA GLU A 27 6.49 -21.47 -15.41
C GLU A 27 7.01 -20.08 -15.75
N ALA A 28 7.38 -19.85 -17.02
CA ALA A 28 7.91 -18.53 -17.43
C ALA A 28 6.81 -17.51 -17.52
N GLN A 29 5.62 -17.98 -17.86
CA GLN A 29 4.46 -17.14 -17.84
C GLN A 29 4.10 -16.70 -16.41
N ALA A 30 4.27 -17.64 -15.47
CA ALA A 30 3.95 -17.43 -14.06
C ALA A 30 4.94 -16.52 -13.41
N ARG A 31 6.23 -16.68 -13.73
CA ARG A 31 7.24 -15.75 -13.22
C ARG A 31 6.84 -14.36 -13.64
N ARG A 32 6.47 -14.23 -14.91
CA ARG A 32 6.27 -12.94 -15.52
C ARG A 32 5.02 -12.26 -14.94
N ALA A 33 3.97 -13.03 -14.83
CA ALA A 33 2.72 -12.53 -14.33
C ALA A 33 2.83 -12.14 -12.85
N VAL A 34 3.59 -12.91 -12.07
CA VAL A 34 3.85 -12.59 -10.66
C VAL A 34 4.73 -11.33 -10.56
N ALA A 35 5.80 -11.27 -11.33
CA ALA A 35 6.59 -10.07 -11.34
C ALA A 35 5.67 -8.87 -11.65
N ASP A 36 4.78 -8.99 -12.64
CA ASP A 36 3.88 -7.89 -12.99
C ASP A 36 2.94 -7.50 -11.85
N ILE A 37 2.48 -8.49 -11.12
CA ILE A 37 1.67 -8.19 -9.95
C ILE A 37 2.53 -7.40 -8.94
N PHE A 38 3.75 -7.84 -8.74
CA PHE A 38 4.57 -7.19 -7.79
C PHE A 38 4.78 -5.75 -8.26
N ASN A 39 5.14 -5.58 -9.52
CA ASN A 39 5.44 -4.22 -10.02
C ASN A 39 4.25 -3.27 -10.19
N SER A 40 3.09 -3.83 -10.52
CA SER A 40 1.85 -3.09 -10.54
C SER A 40 1.62 -2.46 -9.18
N THR A 41 2.04 -3.12 -8.10
CA THR A 41 1.83 -2.55 -6.79
C THR A 41 2.47 -1.18 -6.66
N LEU A 42 3.70 -1.06 -7.15
CA LEU A 42 4.45 0.20 -7.05
C LEU A 42 4.01 1.21 -8.10
N ALA A 43 3.62 0.69 -9.27
CA ALA A 43 3.05 1.51 -10.30
C ALA A 43 1.77 2.09 -9.75
N SER A 44 1.04 1.27 -9.01
CA SER A 44 -0.27 1.69 -8.52
C SER A 44 -0.14 2.86 -7.54
N SER A 45 0.73 2.67 -6.57
CA SER A 45 1.05 3.72 -5.59
C SER A 45 1.68 4.93 -6.25
N ALA A 46 2.44 4.72 -7.32
CA ALA A 46 3.05 5.87 -8.01
C ALA A 46 2.06 6.68 -8.85
N ILE A 47 0.96 6.07 -9.29
CA ILE A 47 0.02 6.76 -10.13
C ILE A 47 -0.54 7.98 -9.44
N GLY A 48 -1.06 7.77 -8.23
CA GLY A 48 -1.57 8.84 -7.38
C GLY A 48 -0.49 9.79 -6.89
N ALA A 49 0.71 9.28 -6.67
CA ALA A 49 1.83 10.14 -6.24
C ALA A 49 2.18 11.11 -7.35
N ALA A 50 2.37 10.55 -8.54
CA ALA A 50 2.67 11.28 -9.80
C ALA A 50 1.64 12.36 -10.11
N TRP A 51 0.38 12.04 -9.88
CA TRP A 51 -0.68 13.02 -9.92
C TRP A 51 -0.40 14.12 -8.87
N GLU A 52 -0.35 13.79 -7.59
CA GLU A 52 -0.24 14.82 -6.55
C GLU A 52 0.94 15.76 -6.75
N LEU A 53 2.02 15.19 -7.26
CA LEU A 53 3.29 15.89 -7.48
C LEU A 53 3.38 16.62 -8.83
N GLY A 54 2.43 16.37 -9.72
CA GLY A 54 2.27 17.20 -10.91
C GLY A 54 2.81 16.58 -12.18
N ALA A 55 3.31 15.34 -12.08
CA ALA A 55 3.99 14.67 -13.15
C ALA A 55 3.06 14.26 -14.26
N LEU A 56 1.88 13.79 -13.87
CA LEU A 56 0.95 13.25 -14.86
C LEU A 56 0.43 14.38 -15.72
N ASP A 57 0.14 15.50 -15.06
CA ASP A 57 -0.32 16.66 -15.78
C ASP A 57 0.71 17.10 -16.78
N GLU A 58 1.96 17.24 -16.34
CA GLU A 58 3.03 17.59 -17.25
C GLU A 58 3.11 16.60 -18.38
N LEU A 59 3.02 15.31 -18.08
CA LEU A 59 3.07 14.31 -19.15
C LEU A 59 1.90 14.38 -20.12
N ARG A 60 0.73 14.84 -19.66
CA ARG A 60 -0.45 14.89 -20.55
C ARG A 60 -0.35 16.01 -21.56
N GLU A 61 0.02 17.21 -21.10
CA GLU A 61 0.34 18.34 -22.01
C GLU A 61 1.51 18.06 -22.96
N ASN A 62 2.64 17.64 -22.42
CA ASN A 62 3.89 17.68 -23.16
C ASN A 62 4.27 16.38 -23.86
N GLY A 63 3.58 15.29 -23.54
CA GLY A 63 3.90 13.94 -24.08
C GLY A 63 5.24 13.31 -23.67
N LYS A 64 6.03 14.02 -22.87
CA LYS A 64 7.47 13.83 -22.73
C LYS A 64 7.88 14.63 -21.51
N LEU A 65 8.83 14.13 -20.74
CA LEU A 65 9.58 15.02 -19.84
C LEU A 65 11.01 14.53 -19.57
N ASP A 66 11.78 15.39 -18.88
CA ASP A 66 13.13 15.07 -18.48
C ASP A 66 13.21 14.87 -16.96
N VAL A 67 13.57 13.65 -16.53
CA VAL A 67 13.43 13.28 -15.10
C VAL A 67 14.12 14.27 -14.18
N SER A 68 15.40 14.55 -14.45
CA SER A 68 16.18 15.46 -13.58
C SER A 68 15.59 16.85 -13.53
N ASP A 69 15.29 17.37 -14.72
CA ASP A 69 14.76 18.70 -14.84
C ASP A 69 13.47 18.78 -14.00
N PHE A 70 12.59 17.80 -14.17
CA PHE A 70 11.42 17.67 -13.30
C PHE A 70 11.80 17.61 -11.82
N ALA A 71 12.78 16.79 -11.48
CA ALA A 71 13.15 16.69 -10.07
C ALA A 71 13.69 18.02 -9.52
N VAL A 72 14.47 18.72 -10.32
CA VAL A 72 15.02 19.99 -9.84
C VAL A 72 13.90 20.98 -9.63
N ARG A 73 13.01 21.08 -10.60
CA ARG A 73 11.97 22.11 -10.56
C ARG A 73 11.12 21.86 -9.34
N HIS A 74 10.75 20.61 -9.11
CA HIS A 74 9.88 20.30 -8.00
C HIS A 74 10.66 20.10 -6.70
N ASP A 75 12.00 20.13 -6.83
CA ASP A 75 12.89 19.95 -5.68
C ASP A 75 12.61 18.59 -4.98
N LEU A 76 12.70 17.55 -5.79
CA LEU A 76 12.48 16.18 -5.34
C LEU A 76 13.78 15.35 -5.42
N HIS A 77 13.86 14.39 -4.50
CA HIS A 77 14.98 13.46 -4.40
C HIS A 77 15.02 12.63 -5.66
N GLU A 78 15.99 12.91 -6.52
CA GLU A 78 15.99 12.41 -7.91
C GLU A 78 16.09 10.89 -8.04
N PRO A 79 16.89 10.24 -7.18
CA PRO A 79 16.91 8.80 -7.30
C PRO A 79 15.54 8.21 -7.03
N ALA A 80 14.76 8.82 -6.14
CA ALA A 80 13.37 8.36 -5.90
C ALA A 80 12.43 8.68 -7.06
N VAL A 81 12.64 9.85 -7.70
CA VAL A 81 11.92 10.26 -8.89
C VAL A 81 12.11 9.25 -10.03
N VAL A 82 13.37 8.86 -10.26
CA VAL A 82 13.71 7.82 -11.25
C VAL A 82 12.89 6.54 -10.96
N GLY A 83 12.85 6.16 -9.70
CA GLY A 83 12.07 4.99 -9.29
C GLY A 83 10.60 5.19 -9.60
N MET A 84 10.09 6.38 -9.36
CA MET A 84 8.69 6.58 -9.57
C MET A 84 8.28 6.29 -11.00
N PHE A 85 9.00 6.89 -11.93
CA PHE A 85 8.74 6.68 -13.34
C PHE A 85 9.06 5.29 -13.76
N THR A 86 10.06 4.70 -13.12
CA THR A 86 10.42 3.35 -13.50
C THR A 86 9.26 2.45 -13.14
N ALA A 87 8.68 2.68 -11.96
CA ALA A 87 7.53 1.86 -11.51
C ALA A 87 6.42 1.99 -12.54
N LEU A 88 6.13 3.23 -12.94
CA LEU A 88 5.13 3.49 -13.96
C LEU A 88 5.51 2.83 -15.27
N ALA A 89 6.78 2.91 -15.64
CA ALA A 89 7.21 2.30 -16.87
C ALA A 89 7.12 0.81 -16.76
N SER A 90 7.34 0.24 -15.56
CA SER A 90 7.37 -1.24 -15.45
C SER A 90 6.12 -1.95 -15.99
N VAL A 91 5.00 -1.26 -16.07
CA VAL A 91 3.74 -1.89 -16.47
C VAL A 91 3.08 -1.19 -17.68
N GLY A 92 3.80 -0.27 -18.31
CA GLY A 92 3.41 0.24 -19.63
C GLY A 92 2.54 1.49 -19.63
N ILE A 93 2.64 2.25 -18.54
CA ILE A 93 1.96 3.52 -18.39
C ILE A 93 2.86 4.60 -18.93
N VAL A 94 4.16 4.51 -18.64
CA VAL A 94 5.18 5.32 -19.32
C VAL A 94 6.25 4.44 -20.01
N ARG A 95 7.12 5.09 -20.75
CA ARG A 95 8.25 4.47 -21.43
C ARG A 95 9.38 5.40 -21.05
N ARG A 96 10.57 4.86 -20.85
CA ARG A 96 11.73 5.68 -20.52
C ARG A 96 12.69 5.54 -21.67
N GLU A 97 13.24 6.64 -22.17
CA GLU A 97 14.30 6.61 -23.21
C GLU A 97 15.37 7.59 -22.72
N GLY A 98 16.55 7.08 -22.40
CA GLY A 98 17.58 7.86 -21.74
C GLY A 98 17.10 8.42 -20.41
N ALA A 99 17.30 9.74 -20.25
CA ALA A 99 16.79 10.52 -19.10
C ALA A 99 15.41 11.15 -19.39
N THR A 100 14.75 10.60 -20.39
CA THR A 100 13.48 11.10 -20.83
C THR A 100 12.41 10.07 -20.50
N VAL A 101 11.30 10.54 -19.92
CA VAL A 101 10.08 9.76 -19.79
C VAL A 101 8.99 10.19 -20.78
N VAL A 102 8.39 9.21 -21.44
CA VAL A 102 7.35 9.42 -22.44
C VAL A 102 6.03 8.69 -22.09
N VAL A 103 4.90 9.32 -22.39
CA VAL A 103 3.62 8.65 -22.19
C VAL A 103 3.66 7.28 -22.91
N GLY A 104 3.10 6.27 -22.25
CA GLY A 104 3.09 4.92 -22.79
C GLY A 104 1.66 4.54 -23.15
N PRO A 105 1.47 3.31 -23.68
CA PRO A 105 0.20 2.91 -24.24
C PRO A 105 -0.99 2.94 -23.28
N TYR A 106 -0.72 2.89 -21.97
CA TYR A 106 -1.79 2.96 -20.99
C TYR A 106 -1.85 4.26 -20.24
N PHE A 107 -1.17 5.30 -20.71
CA PHE A 107 -1.18 6.58 -20.00
C PHE A 107 -2.56 7.22 -19.82
N ASP A 108 -3.38 7.17 -20.86
CA ASP A 108 -4.68 7.87 -20.79
C ASP A 108 -5.63 7.17 -19.85
N GLU A 109 -5.69 5.85 -19.93
CA GLU A 109 -6.52 5.09 -19.00
C GLU A 109 -6.08 5.34 -17.56
N ALA A 110 -4.77 5.25 -17.31
CA ALA A 110 -4.31 5.36 -15.93
C ALA A 110 -4.57 6.75 -15.43
N ASN A 111 -4.32 7.73 -16.27
CA ASN A 111 -4.51 9.11 -15.87
C ASN A 111 -5.98 9.45 -15.71
N HIS A 112 -6.80 8.98 -16.63
CA HIS A 112 -8.23 9.20 -16.48
C HIS A 112 -8.66 8.74 -15.09
N HIS A 113 -8.14 7.61 -14.64
CA HIS A 113 -8.62 7.05 -13.39
C HIS A 113 -7.73 7.33 -12.21
N ARG A 114 -6.89 8.35 -12.29
CA ARG A 114 -5.82 8.49 -11.33
C ARG A 114 -6.26 8.67 -9.88
N SER A 115 -7.39 9.35 -9.68
CA SER A 115 -7.84 9.68 -8.33
C SER A 115 -8.32 8.45 -7.61
N LEU A 116 -8.63 7.41 -8.38
CA LEU A 116 -9.05 6.12 -7.83
C LEU A 116 -7.86 5.34 -7.26
N PHE A 117 -6.73 5.46 -7.95
CA PHE A 117 -5.53 4.86 -7.48
C PHE A 117 -5.10 5.59 -6.21
N HIS A 118 -5.23 6.91 -6.21
CA HIS A 118 -4.85 7.69 -5.03
C HIS A 118 -5.69 7.26 -3.83
N TRP A 119 -6.98 7.06 -4.09
CA TRP A 119 -7.91 6.67 -3.04
C TRP A 119 -7.45 5.36 -2.47
N LEU A 120 -7.06 4.47 -3.38
CA LEU A 120 -6.63 3.12 -3.04
C LEU A 120 -5.37 3.14 -2.23
N ASN A 121 -4.39 3.93 -2.62
CA ASN A 121 -3.07 3.88 -2.00
C ASN A 121 -2.86 4.96 -0.98
N GLN A 122 -2.64 6.18 -1.44
CA GLN A 122 -2.42 7.35 -0.56
C GLN A 122 -3.53 7.50 0.46
N GLY A 123 -4.77 7.20 0.06
CA GLY A 123 -5.90 7.36 1.00
C GLY A 123 -6.11 6.16 1.92
N SER A 124 -6.17 4.98 1.31
CA SER A 124 -6.67 3.79 2.00
C SER A 124 -5.61 2.73 2.12
N GLY A 125 -4.39 3.08 1.77
CA GLY A 125 -3.26 2.16 1.87
C GLY A 125 -3.08 1.50 3.22
N GLU A 126 -3.23 2.25 4.31
CA GLU A 126 -3.09 1.65 5.67
C GLU A 126 -4.15 0.59 5.94
N LEU A 127 -5.34 0.79 5.41
CA LEU A 127 -6.35 -0.19 5.67
C LEU A 127 -5.96 -1.53 5.04
N PHE A 128 -5.58 -1.51 3.77
CA PHE A 128 -5.31 -2.76 3.08
C PHE A 128 -4.01 -3.36 3.59
N ARG A 129 -3.06 -2.51 3.94
CA ARG A 129 -1.81 -3.02 4.47
C ARG A 129 -2.04 -3.88 5.66
N ARG A 130 -2.98 -3.45 6.51
CA ARG A 130 -3.19 -4.10 7.80
C ARG A 130 -4.20 -5.25 7.73
N MET A 131 -4.36 -5.83 6.54
CA MET A 131 -5.28 -6.92 6.29
C MET A 131 -5.18 -8.06 7.33
N PRO A 132 -3.98 -8.51 7.65
CA PRO A 132 -3.90 -9.62 8.60
C PRO A 132 -4.27 -9.20 10.00
N GLN A 133 -4.33 -7.91 10.23
CA GLN A 133 -4.69 -7.37 11.52
C GLN A 133 -6.19 -7.01 11.56
N VAL A 134 -6.76 -6.64 10.40
CA VAL A 134 -8.11 -6.14 10.30
C VAL A 134 -9.10 -7.31 10.15
N LEU A 135 -8.68 -8.41 9.55
CA LEU A 135 -9.60 -9.52 9.32
C LEU A 135 -10.05 -10.26 10.59
N PRO A 136 -9.15 -10.45 11.58
CA PRO A 136 -9.52 -11.17 12.81
C PRO A 136 -10.68 -10.55 13.57
N ASN A 137 -11.71 -11.37 13.81
CA ASN A 137 -12.94 -10.88 14.46
C ASN A 137 -12.74 -10.21 15.80
N GLU A 138 -11.79 -10.70 16.59
CA GLU A 138 -11.61 -10.12 17.91
C GLU A 138 -10.93 -8.72 17.86
N ASN A 139 -10.40 -8.33 16.70
CA ASN A 139 -9.87 -6.97 16.52
C ASN A 139 -10.88 -5.94 16.07
N ARG A 140 -12.04 -6.42 15.58
CA ARG A 140 -13.05 -5.61 14.90
C ARG A 140 -14.03 -4.95 15.87
N THR A 141 -13.49 -4.23 16.84
CA THR A 141 -14.28 -3.46 17.79
C THR A 141 -13.55 -2.14 18.08
N GLY A 142 -14.33 -1.11 18.37
CA GLY A 142 -13.77 0.21 18.57
C GLY A 142 -13.30 0.75 17.25
N LYS A 143 -12.24 1.56 17.28
CA LYS A 143 -11.63 2.03 16.07
C LYS A 143 -10.60 0.99 15.70
N PHE A 144 -10.86 0.22 14.65
CA PHE A 144 -9.99 -0.90 14.34
C PHE A 144 -9.13 -0.74 13.06
N TYR A 145 -9.25 0.43 12.43
CA TYR A 145 -8.49 0.76 11.23
C TYR A 145 -8.31 2.27 11.10
N GLN A 146 -7.22 2.62 10.44
CA GLN A 146 -6.88 3.99 10.20
C GLN A 146 -6.77 4.22 8.70
N ARG A 147 -7.19 5.41 8.28
CA ARG A 147 -6.92 5.94 6.94
C ARG A 147 -6.50 7.39 7.03
N ASP A 148 -5.98 7.91 5.92
CA ASP A 148 -5.46 9.27 5.83
C ASP A 148 -6.59 10.18 5.40
N ALA A 149 -7.20 10.86 6.36
CA ALA A 149 -8.45 11.58 6.08
C ALA A 149 -8.19 12.66 5.04
N GLY A 150 -7.04 13.30 5.14
CA GLY A 150 -6.66 14.34 4.24
C GLY A 150 -6.48 13.83 2.82
N ALA A 151 -5.87 12.66 2.69
CA ALA A 151 -5.64 12.06 1.39
C ALA A 151 -6.98 11.69 0.76
N ILE A 152 -7.85 11.12 1.57
CA ILE A 152 -9.15 10.70 1.08
C ILE A 152 -9.92 11.90 0.54
N SER A 153 -9.90 13.02 1.24
CA SER A 153 -10.65 14.17 0.73
C SER A 153 -9.95 14.77 -0.50
N TYR A 154 -8.63 14.64 -0.62
CA TYR A 154 -7.96 15.07 -1.84
C TYR A 154 -8.40 14.23 -3.06
N ALA A 155 -8.53 12.93 -2.90
CA ALA A 155 -8.99 12.12 -4.03
C ALA A 155 -10.50 12.28 -4.24
N CYS A 156 -11.26 12.34 -3.16
CA CYS A 156 -12.71 12.44 -3.27
C CYS A 156 -13.09 13.72 -4.04
N ARG A 157 -12.29 14.77 -3.89
CA ARG A 157 -12.52 15.99 -4.67
C ARG A 157 -12.62 15.68 -6.17
N GLU A 158 -11.59 15.05 -6.71
CA GLU A 158 -11.56 14.78 -8.13
C GLU A 158 -12.50 13.64 -8.48
N ILE A 159 -12.78 12.77 -7.51
CA ILE A 159 -13.71 11.69 -7.77
C ILE A 159 -15.09 12.29 -8.09
N SER A 160 -15.55 13.20 -7.23
CA SER A 160 -16.80 13.98 -7.47
C SER A 160 -16.80 14.70 -8.82
N GLU A 161 -15.68 15.34 -9.15
CA GLU A 161 -15.60 16.17 -10.34
C GLU A 161 -15.65 15.27 -11.59
N ARG A 162 -14.80 14.26 -11.66
CA ARG A 162 -14.63 13.52 -12.92
C ARG A 162 -15.74 12.49 -13.18
N TYR A 163 -16.31 11.90 -12.12
CA TYR A 163 -17.29 10.81 -12.25
C TYR A 163 -18.75 11.26 -12.01
N PHE A 164 -19.01 12.01 -10.95
CA PHE A 164 -20.41 12.31 -10.58
C PHE A 164 -20.94 13.60 -11.19
N ASP A 165 -20.06 14.57 -11.47
CA ASP A 165 -20.51 15.91 -11.89
C ASP A 165 -21.41 15.94 -13.13
N PRO A 166 -21.00 15.31 -14.23
CA PRO A 166 -21.86 15.32 -15.41
C PRO A 166 -23.34 14.99 -15.12
N ALA A 167 -23.56 13.88 -14.42
CA ALA A 167 -24.89 13.47 -14.00
C ALA A 167 -25.50 14.44 -13.01
N PHE A 168 -24.70 15.02 -12.11
CA PHE A 168 -25.19 16.02 -11.20
C PHE A 168 -25.76 17.21 -11.99
N TRP A 169 -25.05 17.66 -13.02
CA TRP A 169 -25.53 18.77 -13.82
C TRP A 169 -26.75 18.43 -14.69
N ALA A 170 -26.83 17.20 -15.17
CA ALA A 170 -27.97 16.77 -15.96
C ALA A 170 -29.24 16.77 -15.09
N ALA A 171 -29.08 16.39 -13.81
CA ALA A 171 -30.17 16.48 -12.85
C ALA A 171 -30.59 17.90 -12.60
N VAL A 172 -29.61 18.79 -12.38
CA VAL A 172 -29.88 20.21 -12.21
C VAL A 172 -30.50 20.81 -13.46
N ASP A 173 -30.07 20.35 -14.63
CA ASP A 173 -30.60 20.80 -15.93
C ASP A 173 -32.06 20.54 -16.11
N GLY A 174 -32.54 19.47 -15.49
CA GLY A 174 -33.93 19.08 -15.63
C GLY A 174 -34.73 19.22 -14.37
N LEU A 175 -34.42 20.17 -13.50
CA LEU A 175 -35.20 20.34 -12.26
C LEU A 175 -36.64 20.80 -12.51
N GLY A 176 -36.85 21.62 -13.53
CA GLY A 176 -38.16 22.23 -13.78
C GLY A 176 -38.52 23.38 -12.84
N TYR A 177 -37.56 23.86 -12.05
CA TYR A 177 -37.72 25.06 -11.23
C TYR A 177 -36.37 25.65 -10.81
N THR A 178 -36.41 26.89 -10.33
CA THR A 178 -35.23 27.61 -9.96
C THR A 178 -35.08 27.56 -8.46
N PRO A 179 -34.11 26.81 -7.95
CA PRO A 179 -33.98 26.81 -6.50
C PRO A 179 -33.66 28.19 -5.93
N THR A 180 -34.13 28.42 -4.72
CA THR A 180 -33.88 29.67 -4.00
C THR A 180 -32.89 29.45 -2.84
N THR A 181 -32.96 28.27 -2.23
CA THR A 181 -32.04 27.90 -1.17
C THR A 181 -31.66 26.44 -1.32
N VAL A 182 -30.36 26.15 -1.31
CA VAL A 182 -29.88 24.79 -1.47
C VAL A 182 -28.96 24.38 -0.31
N ALA A 183 -29.18 23.14 0.15
CA ALA A 183 -28.38 22.51 1.19
C ALA A 183 -27.64 21.32 0.60
N ASP A 184 -26.40 21.15 1.01
CA ASP A 184 -25.54 20.14 0.47
C ASP A 184 -24.99 19.37 1.66
N LEU A 185 -25.41 18.12 1.76
CA LEU A 185 -24.98 17.22 2.81
C LEU A 185 -23.63 16.63 2.45
N GLY A 186 -22.67 16.87 3.31
CA GLY A 186 -21.30 16.50 3.06
C GLY A 186 -20.71 17.52 2.12
N SER A 187 -20.59 18.78 2.57
CA SER A 187 -20.19 19.87 1.65
C SER A 187 -18.68 19.99 1.33
N GLY A 188 -17.84 19.25 2.05
CA GLY A 188 -16.40 19.25 1.83
C GLY A 188 -15.82 20.63 1.66
N SER A 189 -15.23 20.86 0.49
CA SER A 189 -14.46 22.05 0.14
C SER A 189 -15.35 23.24 -0.18
N GLY A 190 -16.66 22.96 -0.29
CA GLY A 190 -17.64 23.96 -0.68
C GLY A 190 -17.85 24.12 -2.18
N GLU A 191 -17.12 23.39 -3.00
CA GLU A 191 -17.13 23.74 -4.41
C GLU A 191 -18.48 23.48 -5.04
N ARG A 192 -19.26 22.52 -4.54
CA ARG A 192 -20.51 22.23 -5.16
C ARG A 192 -21.49 23.38 -4.96
N LEU A 193 -21.46 24.00 -3.78
CA LEU A 193 -22.33 25.13 -3.50
C LEU A 193 -21.89 26.37 -4.26
N ILE A 194 -20.58 26.51 -4.45
CA ILE A 194 -20.04 27.62 -5.25
C ILE A 194 -20.55 27.49 -6.70
N GLN A 195 -20.40 26.31 -7.28
CA GLN A 195 -20.91 26.11 -8.64
C GLN A 195 -22.42 26.36 -8.73
N ILE A 196 -23.16 25.95 -7.70
CA ILE A 196 -24.59 26.21 -7.67
C ILE A 196 -24.87 27.71 -7.65
N ALA A 197 -24.12 28.47 -6.86
CA ALA A 197 -24.32 29.91 -6.79
C ALA A 197 -24.08 30.53 -8.20
N ARG A 198 -23.09 30.00 -8.91
CA ARG A 198 -22.80 30.42 -10.26
C ARG A 198 -23.94 30.12 -11.24
N ARG A 199 -24.54 28.93 -11.11
CA ARG A 199 -25.65 28.53 -11.97
C ARG A 199 -26.91 29.40 -11.78
N PHE A 200 -27.20 29.74 -10.53
CA PHE A 200 -28.40 30.47 -10.13
C PHE A 200 -27.94 31.66 -9.31
N PRO A 201 -27.67 32.77 -9.99
CA PRO A 201 -26.85 33.85 -9.44
C PRO A 201 -27.02 34.15 -7.94
N GLY A 202 -28.20 34.55 -7.49
CA GLY A 202 -28.42 34.96 -6.08
C GLY A 202 -29.07 33.94 -5.15
N VAL A 203 -28.90 32.66 -5.43
CA VAL A 203 -29.39 31.60 -4.56
C VAL A 203 -28.66 31.61 -3.22
N ARG A 204 -29.28 31.16 -2.14
CA ARG A 204 -28.58 31.01 -0.88
C ARG A 204 -28.05 29.55 -0.80
N GLY A 205 -26.96 29.33 -0.06
CA GLY A 205 -26.38 28.01 0.13
C GLY A 205 -26.06 27.65 1.58
N LEU A 206 -26.37 26.41 1.91
CA LEU A 206 -26.13 25.88 3.24
C LEU A 206 -25.37 24.59 3.06
N GLY A 207 -24.14 24.53 3.56
CA GLY A 207 -23.35 23.29 3.49
C GLY A 207 -23.32 22.63 4.84
N VAL A 208 -23.65 21.34 4.88
CA VAL A 208 -23.59 20.58 6.14
C VAL A 208 -22.42 19.62 6.03
N ASP A 209 -21.47 19.73 6.95
CA ASP A 209 -20.30 18.84 6.97
C ASP A 209 -19.94 18.41 8.41
N ILE A 210 -19.44 17.20 8.55
CA ILE A 210 -19.14 16.68 9.87
C ILE A 210 -17.76 17.18 10.34
N ALA A 211 -16.91 17.63 9.40
CA ALA A 211 -15.51 17.97 9.69
C ALA A 211 -15.26 19.47 9.84
N ASP A 212 -14.58 19.85 10.92
CA ASP A 212 -14.30 21.27 11.21
C ASP A 212 -13.27 21.88 10.27
N GLY A 213 -12.40 21.02 9.72
CA GLY A 213 -11.39 21.46 8.77
C GLY A 213 -11.99 21.87 7.45
N ALA A 214 -12.83 20.99 6.91
CA ALA A 214 -13.65 21.27 5.71
C ALA A 214 -14.46 22.54 5.84
N ILE A 215 -15.04 22.76 7.02
CA ILE A 215 -15.90 23.91 7.21
C ILE A 215 -15.10 25.21 7.09
N ALA A 216 -14.01 25.27 7.84
CA ALA A 216 -13.11 26.40 7.79
C ALA A 216 -12.57 26.61 6.35
N MET A 217 -12.10 25.54 5.70
CA MET A 217 -11.62 25.61 4.30
C MET A 217 -12.69 26.17 3.31
N ALA A 218 -13.94 25.74 3.48
CA ALA A 218 -15.00 26.09 2.56
C ALA A 218 -15.42 27.53 2.76
N GLU A 219 -15.50 27.93 4.03
CA GLU A 219 -15.74 29.34 4.41
C GLU A 219 -14.69 30.26 3.78
N LYS A 220 -13.43 29.82 3.79
CA LYS A 220 -12.35 30.56 3.15
C LYS A 220 -12.53 30.62 1.65
N GLU A 221 -12.85 29.47 1.02
CA GLU A 221 -12.96 29.39 -0.43
C GLU A 221 -14.22 30.09 -0.92
N VAL A 222 -15.29 29.98 -0.16
CA VAL A 222 -16.50 30.71 -0.47
C VAL A 222 -16.20 32.21 -0.46
N ALA A 223 -15.63 32.67 0.65
CA ALA A 223 -15.22 34.06 0.83
C ALA A 223 -14.31 34.51 -0.31
N ALA A 224 -13.30 33.71 -0.61
CA ALA A 224 -12.34 33.99 -1.68
C ALA A 224 -13.03 34.32 -2.98
N LYS A 225 -14.11 33.62 -3.29
CA LYS A 225 -14.82 33.81 -4.58
C LYS A 225 -16.07 34.72 -4.55
N GLY A 226 -16.25 35.45 -3.44
CA GLY A 226 -17.28 36.51 -3.35
C GLY A 226 -18.68 36.13 -2.83
N PHE A 227 -18.79 34.93 -2.25
CA PHE A 227 -20.06 34.36 -1.85
C PHE A 227 -20.30 34.29 -0.35
N GLY A 228 -19.42 34.92 0.43
CA GLY A 228 -19.52 34.87 1.88
C GLY A 228 -20.89 35.22 2.37
N ASP A 229 -21.56 36.09 1.64
CA ASP A 229 -22.89 36.54 2.05
C ASP A 229 -24.00 35.56 1.64
N GLN A 230 -23.74 34.67 0.68
CA GLN A 230 -24.77 33.77 0.18
C GLN A 230 -24.68 32.37 0.76
N ILE A 231 -23.47 31.93 1.06
CA ILE A 231 -23.24 30.55 1.36
C ILE A 231 -22.67 30.46 2.74
N SER A 232 -23.34 29.69 3.61
CA SER A 232 -22.82 29.47 4.93
C SER A 232 -22.85 27.99 5.22
N PHE A 233 -22.12 27.60 6.27
CA PHE A 233 -21.88 26.21 6.60
C PHE A 233 -22.23 25.88 8.03
N VAL A 234 -22.62 24.62 8.23
CA VAL A 234 -22.97 24.16 9.53
C VAL A 234 -22.39 22.77 9.79
N ARG A 235 -21.98 22.56 11.05
CA ARG A 235 -21.28 21.37 11.48
C ARG A 235 -22.35 20.36 11.74
N GLY A 236 -22.23 19.17 11.15
CA GLY A 236 -23.26 18.18 11.34
C GLY A 236 -23.27 17.03 10.36
N ASP A 237 -24.19 16.11 10.63
CA ASP A 237 -24.27 14.82 10.01
C ASP A 237 -25.70 14.63 9.55
N ALA A 238 -25.90 14.19 8.30
CA ALA A 238 -27.28 13.86 7.85
C ALA A 238 -28.04 12.94 8.81
N ARG A 239 -27.30 12.08 9.51
CA ARG A 239 -27.90 11.05 10.33
C ARG A 239 -28.47 11.60 11.66
N THR A 240 -28.00 12.77 12.08
CA THR A 240 -28.53 13.47 13.27
C THR A 240 -28.97 14.89 12.93
N ILE A 241 -29.27 15.08 11.65
CA ILE A 241 -29.63 16.38 11.05
C ILE A 241 -30.72 17.12 11.83
N ASP A 242 -31.60 16.41 12.54
CA ASP A 242 -32.61 17.11 13.35
C ASP A 242 -32.12 17.73 14.66
N GLN A 243 -30.98 17.25 15.20
CA GLN A 243 -30.34 17.86 16.37
C GLN A 243 -29.51 19.10 16.02
N VAL A 244 -29.41 19.43 14.74
CA VAL A 244 -28.60 20.56 14.29
C VAL A 244 -29.27 21.90 14.56
N SER A 245 -28.51 22.85 15.12
CA SER A 245 -29.09 24.11 15.59
C SER A 245 -29.50 25.09 14.47
N ALA A 246 -28.99 24.88 13.25
CA ALA A 246 -29.44 25.66 12.08
C ALA A 246 -30.81 25.22 11.56
N ARG A 247 -31.41 24.20 12.18
CA ARG A 247 -32.72 23.65 11.83
C ARG A 247 -33.79 24.62 11.34
N GLY A 248 -33.82 25.83 11.85
CA GLY A 248 -34.86 26.79 11.49
C GLY A 248 -34.61 27.37 10.11
N GLU A 249 -33.35 27.36 9.68
CA GLU A 249 -33.01 27.72 8.31
C GLU A 249 -33.41 26.64 7.30
N PHE A 250 -33.82 25.47 7.77
CA PHE A 250 -34.10 24.38 6.82
C PHE A 250 -35.40 24.48 6.04
N ALA A 251 -36.36 25.22 6.57
CA ALA A 251 -37.65 25.45 5.88
C ALA A 251 -37.50 26.17 4.54
N GLU A 252 -36.47 27.00 4.42
CA GLU A 252 -36.24 27.75 3.20
C GLU A 252 -35.70 26.90 2.04
N VAL A 253 -35.24 25.70 2.35
CA VAL A 253 -34.46 24.89 1.41
C VAL A 253 -35.39 24.24 0.44
N ASP A 254 -35.15 24.43 -0.87
CA ASP A 254 -35.99 23.81 -1.90
C ASP A 254 -35.20 22.90 -2.82
N LEU A 255 -33.89 22.82 -2.63
CA LEU A 255 -33.05 21.79 -3.28
C LEU A 255 -32.06 21.20 -2.28
N LEU A 256 -31.97 19.88 -2.27
CA LEU A 256 -31.07 19.15 -1.38
C LEU A 256 -30.10 18.30 -2.19
N THR A 257 -28.84 18.25 -1.78
CA THR A 257 -27.85 17.48 -2.51
C THR A 257 -27.07 16.63 -1.55
N CYS A 258 -26.63 15.46 -2.01
CA CYS A 258 -25.85 14.59 -1.17
C CYS A 258 -25.09 13.59 -1.98
N PHE A 259 -23.77 13.74 -2.02
CA PHE A 259 -22.93 12.89 -2.87
C PHE A 259 -21.90 12.08 -2.11
N MET A 260 -21.74 10.83 -2.51
CA MET A 260 -20.67 9.98 -2.05
C MET A 260 -20.69 9.58 -0.57
N MET A 261 -21.84 9.65 0.07
CA MET A 261 -21.93 9.13 1.44
C MET A 261 -23.23 8.42 1.73
N GLY A 262 -24.04 8.22 0.71
CA GLY A 262 -25.29 7.48 0.86
C GLY A 262 -25.12 6.20 1.65
N HIS A 263 -24.18 5.34 1.22
CA HIS A 263 -23.94 4.06 1.87
C HIS A 263 -23.68 4.15 3.39
N ASP A 264 -23.21 5.29 3.85
CA ASP A 264 -22.92 5.47 5.27
C ASP A 264 -24.21 5.75 6.06
N PHE A 265 -25.33 5.95 5.37
CA PHE A 265 -26.66 5.98 6.01
C PHE A 265 -27.12 4.56 6.35
N TRP A 266 -26.60 3.57 5.62
CA TRP A 266 -26.98 2.17 5.84
C TRP A 266 -26.32 1.76 7.13
N PRO A 267 -26.72 0.63 7.74
CA PRO A 267 -27.74 -0.38 7.43
C PRO A 267 -29.14 0.14 7.08
N ARG A 268 -29.95 -0.73 6.48
CA ARG A 268 -31.24 -0.40 5.89
C ARG A 268 -32.19 0.39 6.80
N GLU A 269 -32.32 -0.02 8.06
CA GLU A 269 -33.24 0.61 9.00
C GLU A 269 -32.75 1.99 9.44
N ASN A 270 -31.44 2.14 9.59
CA ASN A 270 -30.83 3.48 9.77
C ASN A 270 -31.04 4.38 8.55
N CYS A 271 -30.97 3.77 7.38
CA CYS A 271 -31.22 4.51 6.19
C CYS A 271 -32.67 5.01 6.15
N VAL A 272 -33.61 4.13 6.49
CA VAL A 272 -35.00 4.54 6.45
C VAL A 272 -35.19 5.70 7.43
N GLN A 273 -34.63 5.57 8.63
CA GLN A 273 -34.68 6.62 9.67
C GLN A 273 -34.11 7.97 9.21
N THR A 274 -32.94 7.93 8.58
CA THR A 274 -32.26 9.13 8.12
C THR A 274 -33.01 9.80 7.00
N LEU A 275 -33.48 9.00 6.05
CA LEU A 275 -34.27 9.54 4.97
C LEU A 275 -35.52 10.22 5.49
N ARG A 276 -36.23 9.57 6.42
CA ARG A 276 -37.40 10.23 7.08
C ARG A 276 -36.94 11.47 7.81
N LYS A 277 -35.84 11.40 8.55
CA LYS A 277 -35.35 12.59 9.24
C LYS A 277 -35.11 13.73 8.26
N LEU A 278 -34.50 13.40 7.12
CA LEU A 278 -34.28 14.38 6.07
C LEU A 278 -35.62 14.86 5.46
N ARG A 279 -36.57 13.94 5.27
CA ARG A 279 -37.85 14.35 4.73
C ARG A 279 -38.44 15.44 5.62
N ALA A 280 -38.45 15.20 6.91
CA ALA A 280 -39.12 16.07 7.86
C ALA A 280 -38.38 17.38 8.07
N ALA A 281 -37.06 17.33 8.07
CA ALA A 281 -36.23 18.52 8.37
C ALA A 281 -36.11 19.47 7.18
N PHE A 282 -36.29 18.94 5.97
CA PHE A 282 -36.31 19.72 4.75
C PHE A 282 -37.66 19.52 4.02
N PRO A 283 -38.75 19.94 4.67
CA PRO A 283 -40.10 19.72 4.19
C PRO A 283 -40.42 20.43 2.88
N ASN A 284 -39.77 21.57 2.63
CA ASN A 284 -40.01 22.31 1.41
C ASN A 284 -39.05 21.93 0.26
N VAL A 285 -38.12 21.00 0.49
CA VAL A 285 -37.35 20.44 -0.63
C VAL A 285 -38.25 19.81 -1.67
N ARG A 286 -38.01 20.23 -2.91
CA ARG A 286 -38.72 19.74 -4.09
C ARG A 286 -37.96 18.62 -4.81
N ARG A 287 -36.65 18.73 -4.88
CA ARG A 287 -35.83 17.65 -5.37
C ARG A 287 -34.65 17.50 -4.46
N PHE A 288 -34.30 16.24 -4.23
CA PHE A 288 -33.17 15.84 -3.43
C PHE A 288 -32.36 14.96 -4.39
N LEU A 289 -31.14 15.42 -4.71
CA LEU A 289 -30.23 14.67 -5.58
C LEU A 289 -29.27 13.87 -4.69
N LEU A 290 -29.40 12.55 -4.79
CA LEU A 290 -28.60 11.69 -3.99
C LEU A 290 -27.72 10.87 -4.88
N GLY A 291 -26.42 11.08 -4.76
CA GLY A 291 -25.47 10.30 -5.53
C GLY A 291 -24.53 9.47 -4.70
N ASP A 292 -24.23 8.26 -5.21
CA ASP A 292 -23.27 7.39 -4.59
C ASP A 292 -22.82 6.27 -5.52
N ALA A 293 -21.79 5.53 -5.09
CA ALA A 293 -21.44 4.29 -5.74
C ALA A 293 -22.16 3.18 -4.96
N THR A 294 -22.39 2.05 -5.63
CA THR A 294 -23.12 0.94 -5.03
C THR A 294 -22.44 -0.40 -5.28
N ARG A 295 -22.89 -1.41 -4.55
CA ARG A 295 -22.25 -2.72 -4.60
C ARG A 295 -22.73 -3.45 -5.86
N THR A 296 -21.77 -4.07 -6.55
CA THR A 296 -22.06 -4.80 -7.80
C THR A 296 -22.44 -6.25 -7.49
N VAL A 297 -23.14 -6.90 -8.41
CA VAL A 297 -23.47 -8.33 -8.28
C VAL A 297 -23.04 -9.06 -9.50
N GLY A 298 -22.42 -10.22 -9.30
CA GLY A 298 -22.14 -11.17 -10.37
C GLY A 298 -21.08 -10.79 -11.42
N ILE A 299 -20.20 -9.83 -11.09
CA ILE A 299 -19.07 -9.58 -11.99
C ILE A 299 -18.06 -10.70 -11.75
N PRO A 300 -17.56 -11.33 -12.81
CA PRO A 300 -16.63 -12.43 -12.55
C PRO A 300 -15.26 -11.90 -12.08
N ASP A 301 -14.63 -12.67 -11.18
CA ASP A 301 -13.34 -12.30 -10.61
C ASP A 301 -12.29 -11.81 -11.59
N ARG A 302 -12.24 -12.35 -12.80
CA ARG A 302 -11.19 -11.91 -13.76
C ARG A 302 -11.56 -10.71 -14.65
N GLU A 303 -12.80 -10.22 -14.54
CA GLU A 303 -13.25 -9.11 -15.36
C GLU A 303 -13.65 -7.91 -14.54
N LEU A 304 -13.23 -7.86 -13.29
CA LEU A 304 -13.58 -6.78 -12.40
C LEU A 304 -12.97 -5.51 -12.93
N PRO A 305 -13.78 -4.48 -13.12
CA PRO A 305 -13.21 -3.25 -13.59
C PRO A 305 -12.47 -2.48 -12.51
N VAL A 306 -11.94 -1.33 -12.90
CA VAL A 306 -11.22 -0.49 -12.00
C VAL A 306 -12.10 -0.05 -10.83
N PHE A 307 -11.48 0.03 -9.67
CA PHE A 307 -12.13 0.56 -8.47
C PHE A 307 -13.02 -0.44 -7.74
N THR A 308 -13.90 -1.12 -8.49
CA THR A 308 -14.93 -2.01 -7.89
C THR A 308 -14.43 -2.87 -6.72
N LEU A 309 -13.39 -3.66 -6.94
CA LEU A 309 -12.98 -4.56 -5.88
C LEU A 309 -12.50 -3.78 -4.69
N GLY A 310 -11.75 -2.72 -4.94
CA GLY A 310 -11.16 -1.92 -3.87
C GLY A 310 -12.22 -1.19 -3.06
N PHE A 311 -13.22 -0.70 -3.75
CA PHE A 311 -14.31 -0.07 -3.08
C PHE A 311 -15.03 -1.09 -2.16
N GLU A 312 -15.31 -2.27 -2.71
CA GLU A 312 -16.13 -3.27 -2.01
C GLU A 312 -15.37 -4.01 -0.92
N PHE A 313 -14.21 -4.54 -1.28
CA PHE A 313 -13.30 -5.17 -0.34
C PHE A 313 -12.94 -4.20 0.80
N GLY A 314 -12.65 -2.96 0.45
CA GLY A 314 -12.40 -1.95 1.47
C GLY A 314 -13.52 -1.75 2.47
N HIS A 315 -14.75 -1.55 2.00
CA HIS A 315 -15.84 -1.33 2.94
C HIS A 315 -16.13 -2.63 3.77
N ASP A 316 -15.92 -3.81 3.22
CA ASP A 316 -16.03 -5.02 4.01
C ASP A 316 -14.95 -5.07 5.04
N MET A 317 -13.74 -4.64 4.70
CA MET A 317 -12.74 -4.54 5.72
C MET A 317 -13.15 -3.53 6.79
N MET A 318 -13.79 -2.42 6.44
CA MET A 318 -14.24 -1.48 7.50
C MET A 318 -15.56 -1.86 8.16
N GLY A 319 -16.16 -2.98 7.71
CA GLY A 319 -17.38 -3.49 8.26
C GLY A 319 -18.54 -2.56 7.97
N VAL A 320 -18.44 -1.85 6.84
CA VAL A 320 -19.45 -0.92 6.40
C VAL A 320 -20.20 -1.49 5.21
N TYR A 321 -21.52 -1.66 5.36
CA TYR A 321 -22.37 -2.30 4.35
C TYR A 321 -22.56 -1.41 3.17
N LEU A 322 -22.49 -1.99 1.98
CA LEU A 322 -22.76 -1.23 0.73
C LEU A 322 -24.01 -1.75 0.12
N PRO A 323 -25.04 -0.91 -0.02
CA PRO A 323 -26.21 -1.41 -0.71
C PRO A 323 -25.94 -1.55 -2.17
N THR A 324 -26.80 -2.34 -2.82
CA THR A 324 -26.87 -2.40 -4.26
C THR A 324 -27.83 -1.32 -4.74
N LEU A 325 -27.89 -1.20 -6.06
CA LEU A 325 -28.83 -0.34 -6.72
C LEU A 325 -30.26 -0.71 -6.35
N ASP A 326 -30.55 -2.00 -6.37
CA ASP A 326 -31.91 -2.48 -6.08
C ASP A 326 -32.34 -2.23 -4.64
N GLU A 327 -31.38 -2.29 -3.74
CA GLU A 327 -31.64 -2.01 -2.36
C GLU A 327 -31.94 -0.52 -2.16
N TRP A 328 -31.16 0.38 -2.76
CA TRP A 328 -31.57 1.79 -2.79
C TRP A 328 -33.02 1.93 -3.32
N ASP A 329 -33.30 1.29 -4.44
CA ASP A 329 -34.60 1.41 -5.11
C ASP A 329 -35.68 1.11 -4.09
N GLY A 330 -35.50 0.04 -3.31
CA GLY A 330 -36.53 -0.44 -2.37
C GLY A 330 -36.54 0.21 -0.99
N VAL A 331 -35.77 1.27 -0.78
CA VAL A 331 -35.81 1.92 0.50
C VAL A 331 -36.50 3.28 0.46
N PHE A 332 -36.58 3.90 -0.69
CA PHE A 332 -37.05 5.31 -0.73
C PHE A 332 -38.48 5.57 -0.14
N GLU A 333 -39.44 4.80 -0.64
CA GLU A 333 -40.82 4.97 -0.22
C GLU A 333 -40.89 4.88 1.31
N GLU A 334 -40.33 3.82 1.88
CA GLU A 334 -40.32 3.68 3.32
C GLU A 334 -39.66 4.86 3.98
N GLY A 335 -38.55 5.37 3.40
CA GLY A 335 -37.83 6.52 3.90
C GLY A 335 -38.60 7.80 3.72
N GLY A 336 -39.76 7.70 3.06
CA GLY A 336 -40.64 8.84 2.81
C GLY A 336 -40.38 9.63 1.53
N TRP A 337 -39.69 9.07 0.54
CA TRP A 337 -39.38 9.81 -0.69
C TRP A 337 -39.91 9.02 -1.89
N ARG A 338 -40.13 9.72 -2.98
CA ARG A 338 -40.47 9.07 -4.26
C ARG A 338 -39.41 9.39 -5.29
N CYS A 339 -38.84 8.35 -5.89
CA CYS A 339 -37.77 8.51 -6.83
C CYS A 339 -38.40 8.78 -8.17
N VAL A 340 -38.05 9.87 -8.80
CA VAL A 340 -38.64 10.29 -10.08
C VAL A 340 -37.67 10.31 -11.28
N LYS A 341 -36.37 10.24 -10.99
CA LYS A 341 -35.39 10.14 -12.04
C LYS A 341 -34.16 9.44 -11.51
N LYS A 342 -33.40 8.87 -12.43
CA LYS A 342 -32.19 8.13 -12.11
C LYS A 342 -31.20 8.14 -13.26
N HIS A 343 -29.92 8.39 -12.93
CA HIS A 343 -28.85 8.54 -13.93
C HIS A 343 -27.66 7.67 -13.58
N ALA A 344 -27.26 6.78 -14.47
CA ALA A 344 -26.07 5.97 -14.26
C ALA A 344 -24.82 6.81 -14.55
N ILE A 345 -23.74 6.50 -13.84
CA ILE A 345 -22.43 7.14 -13.99
C ILE A 345 -21.60 6.28 -14.97
N ASP A 346 -20.84 6.94 -15.84
CA ASP A 346 -19.92 6.29 -16.83
C ASP A 346 -18.41 6.61 -16.57
N SER A 347 -17.66 5.83 -15.78
CA SER A 347 -18.11 4.63 -15.13
C SER A 347 -17.14 4.35 -13.96
N LEU A 348 -17.76 4.15 -12.79
CA LEU A 348 -17.11 4.11 -11.50
C LEU A 348 -17.81 2.98 -10.72
N SER A 349 -17.44 1.75 -11.04
CA SER A 349 -18.21 0.57 -10.65
C SER A 349 -19.66 0.80 -11.14
N VAL A 350 -20.68 0.49 -10.33
CA VAL A 350 -22.04 0.94 -10.62
C VAL A 350 -22.42 2.14 -9.74
N SER A 351 -22.39 3.33 -10.32
CA SER A 351 -22.66 4.53 -9.54
C SER A 351 -23.84 5.21 -10.16
N VAL A 352 -24.53 6.03 -9.38
CA VAL A 352 -25.82 6.52 -9.80
C VAL A 352 -26.19 7.84 -9.12
N VAL A 353 -27.01 8.62 -9.77
CA VAL A 353 -27.65 9.74 -9.15
C VAL A 353 -29.16 9.52 -9.14
N PHE A 354 -29.75 9.54 -7.95
CA PHE A 354 -31.18 9.44 -7.81
C PHE A 354 -31.68 10.86 -7.74
N GLU A 355 -32.85 11.13 -8.32
CA GLU A 355 -33.57 12.34 -8.01
C GLU A 355 -34.78 11.94 -7.22
N LEU A 356 -34.91 12.47 -6.02
CA LEU A 356 -36.03 12.10 -5.17
C LEU A 356 -36.93 13.29 -4.96
N GLU A 357 -38.18 13.03 -4.66
CA GLU A 357 -39.04 14.09 -4.22
C GLU A 357 -39.95 13.71 -3.07
N SER B 26 -5.40 -0.86 -28.23
CA SER B 26 -6.83 -0.48 -28.26
C SER B 26 -7.29 0.03 -26.91
N GLU B 27 -8.44 0.67 -26.92
CA GLU B 27 -8.97 1.29 -25.75
C GLU B 27 -9.41 0.21 -24.73
N ALA B 28 -9.98 -0.86 -25.24
CA ALA B 28 -10.45 -1.97 -24.42
C ALA B 28 -9.30 -2.65 -23.69
N GLN B 29 -8.14 -2.75 -24.36
CA GLN B 29 -6.97 -3.40 -23.79
C GLN B 29 -6.36 -2.57 -22.67
N ALA B 30 -6.29 -1.28 -22.90
CA ALA B 30 -5.81 -0.37 -21.91
C ALA B 30 -6.74 -0.39 -20.67
N ARG B 31 -8.05 -0.49 -20.90
CA ARG B 31 -9.02 -0.57 -19.82
C ARG B 31 -8.72 -1.78 -18.94
N ARG B 32 -8.49 -2.90 -19.59
CA ARG B 32 -8.32 -4.15 -18.95
C ARG B 32 -6.99 -4.14 -18.22
N ALA B 33 -5.98 -3.51 -18.83
CA ALA B 33 -4.64 -3.48 -18.25
C ALA B 33 -4.61 -2.63 -16.97
N VAL B 34 -5.24 -1.46 -17.02
CA VAL B 34 -5.21 -0.55 -15.87
C VAL B 34 -6.03 -1.13 -14.71
N ALA B 35 -7.06 -1.90 -15.03
CA ALA B 35 -7.90 -2.51 -14.05
C ALA B 35 -7.09 -3.56 -13.32
N ASP B 36 -6.33 -4.34 -14.09
CA ASP B 36 -5.42 -5.33 -13.57
C ASP B 36 -4.32 -4.73 -12.71
N ILE B 37 -3.90 -3.52 -13.02
CA ILE B 37 -2.90 -2.84 -12.23
C ILE B 37 -3.55 -2.45 -10.89
N PHE B 38 -4.75 -1.90 -10.95
CA PHE B 38 -5.53 -1.64 -9.75
C PHE B 38 -5.73 -2.92 -8.96
N ASN B 39 -6.29 -3.95 -9.57
CA ASN B 39 -6.58 -5.19 -8.85
C ASN B 39 -5.32 -5.91 -8.36
N SER B 40 -4.21 -5.76 -9.10
CA SER B 40 -2.95 -6.38 -8.69
C SER B 40 -2.46 -5.77 -7.38
N THR B 41 -2.77 -4.50 -7.15
CA THR B 41 -2.40 -3.85 -5.88
C THR B 41 -3.02 -4.59 -4.70
N LEU B 42 -4.30 -4.90 -4.83
CA LEU B 42 -5.05 -5.61 -3.79
C LEU B 42 -4.60 -7.05 -3.65
N ALA B 43 -4.39 -7.70 -4.78
CA ALA B 43 -3.85 -9.04 -4.79
C ALA B 43 -2.45 -9.08 -4.16
N SER B 44 -1.64 -8.05 -4.41
CA SER B 44 -0.27 -8.01 -3.90
C SER B 44 -0.28 -8.01 -2.36
N SER B 45 -1.06 -7.08 -1.83
CA SER B 45 -1.29 -7.02 -0.41
C SER B 45 -1.92 -8.28 0.14
N ALA B 46 -2.88 -8.85 -0.57
CA ALA B 46 -3.49 -10.07 -0.11
C ALA B 46 -2.51 -11.25 -0.03
N ILE B 47 -1.43 -11.26 -0.82
CA ILE B 47 -0.47 -12.41 -0.79
C ILE B 47 0.20 -12.54 0.57
N GLY B 48 0.72 -11.42 1.07
CA GLY B 48 1.40 -11.37 2.36
C GLY B 48 0.43 -11.60 3.51
N ALA B 49 -0.80 -11.12 3.35
CA ALA B 49 -1.87 -11.38 4.35
C ALA B 49 -2.32 -12.85 4.39
N ALA B 50 -2.52 -13.43 3.23
CA ALA B 50 -2.86 -14.83 3.09
C ALA B 50 -1.82 -15.76 3.73
N TRP B 51 -0.56 -15.36 3.61
CA TRP B 51 0.52 -16.13 4.19
C TRP B 51 0.43 -16.04 5.73
N GLU B 52 0.49 -14.82 6.25
CA GLU B 52 0.44 -14.55 7.67
C GLU B 52 -0.76 -15.24 8.34
N LEU B 53 -1.90 -15.28 7.65
CA LEU B 53 -3.13 -15.89 8.18
C LEU B 53 -3.29 -17.39 7.96
N GLY B 54 -2.32 -18.05 7.31
CA GLY B 54 -2.35 -19.52 7.13
C GLY B 54 -2.88 -20.03 5.80
N ALA B 55 -3.54 -19.17 5.02
CA ALA B 55 -4.20 -19.62 3.77
C ALA B 55 -3.28 -20.16 2.70
N LEU B 56 -2.13 -19.55 2.52
CA LEU B 56 -1.25 -20.04 1.48
C LEU B 56 -0.76 -21.39 1.87
N ASP B 57 -0.47 -21.59 3.16
CA ASP B 57 0.05 -22.89 3.62
C ASP B 57 -0.98 -23.99 3.48
N GLU B 58 -2.22 -23.72 3.89
CA GLU B 58 -3.30 -24.68 3.71
C GLU B 58 -3.52 -24.99 2.23
N LEU B 59 -3.48 -23.97 1.38
CA LEU B 59 -3.61 -24.14 -0.07
C LEU B 59 -2.50 -24.98 -0.72
N ARG B 60 -1.26 -24.72 -0.34
CA ARG B 60 -0.11 -25.44 -0.88
C ARG B 60 -0.15 -26.88 -0.41
N GLU B 61 -0.59 -27.11 0.82
CA GLU B 61 -0.72 -28.49 1.30
C GLU B 61 -1.80 -29.22 0.55
N ASN B 62 -3.01 -28.66 0.54
CA ASN B 62 -4.24 -29.32 0.02
C ASN B 62 -4.74 -28.93 -1.37
N GLY B 63 -4.12 -27.95 -2.02
CA GLY B 63 -4.67 -27.44 -3.30
C GLY B 63 -6.04 -26.74 -3.27
N LYS B 64 -6.74 -26.74 -2.13
CA LYS B 64 -8.08 -26.16 -1.99
C LYS B 64 -8.42 -25.90 -0.51
N LEU B 65 -9.47 -25.12 -0.29
CA LEU B 65 -9.94 -24.89 1.07
C LEU B 65 -11.40 -24.38 1.05
N ASP B 66 -12.07 -24.40 2.20
CA ASP B 66 -13.43 -23.91 2.29
C ASP B 66 -13.33 -22.55 2.89
N VAL B 67 -13.78 -21.53 2.17
CA VAL B 67 -13.56 -20.18 2.70
C VAL B 67 -14.31 -20.02 4.02
N SER B 68 -15.50 -20.58 4.16
CA SER B 68 -16.26 -20.38 5.44
C SER B 68 -15.58 -21.13 6.59
N ASP B 69 -15.19 -22.38 6.32
CA ASP B 69 -14.51 -23.12 7.34
C ASP B 69 -13.22 -22.42 7.73
N PHE B 70 -12.47 -22.00 6.71
CA PHE B 70 -11.20 -21.28 6.90
C PHE B 70 -11.41 -20.03 7.73
N ALA B 71 -12.47 -19.30 7.42
CA ALA B 71 -12.77 -18.10 8.15
C ALA B 71 -13.11 -18.42 9.62
N VAL B 72 -13.78 -19.54 9.80
CA VAL B 72 -14.23 -19.99 11.12
C VAL B 72 -13.03 -20.47 11.94
N ARG B 73 -12.25 -21.36 11.33
CA ARG B 73 -11.08 -21.88 12.03
C ARG B 73 -10.16 -20.77 12.52
N HIS B 74 -9.92 -19.76 11.68
CA HIS B 74 -9.00 -18.66 12.08
C HIS B 74 -9.70 -17.46 12.68
N ASP B 75 -10.99 -17.63 12.99
CA ASP B 75 -11.84 -16.57 13.53
C ASP B 75 -11.68 -15.22 12.79
N LEU B 76 -11.96 -15.27 11.51
CA LEU B 76 -11.84 -14.10 10.62
C LEU B 76 -13.22 -13.66 10.09
N HIS B 77 -13.38 -12.35 9.89
CA HIS B 77 -14.57 -11.76 9.24
C HIS B 77 -14.78 -12.19 7.79
N GLU B 78 -15.74 -13.08 7.60
CA GLU B 78 -15.83 -13.85 6.36
C GLU B 78 -15.95 -12.96 5.13
N PRO B 79 -16.86 -12.00 5.17
CA PRO B 79 -16.95 -11.15 3.97
C PRO B 79 -15.58 -10.50 3.53
N ALA B 80 -14.76 -10.07 4.50
CA ALA B 80 -13.41 -9.60 4.19
C ALA B 80 -12.50 -10.74 3.73
N VAL B 81 -12.72 -11.93 4.25
CA VAL B 81 -11.98 -13.08 3.78
C VAL B 81 -12.37 -13.36 2.30
N VAL B 82 -13.66 -13.36 2.00
CA VAL B 82 -14.09 -13.45 0.61
C VAL B 82 -13.40 -12.38 -0.25
N GLY B 83 -13.27 -11.16 0.29
CA GLY B 83 -12.53 -10.11 -0.39
C GLY B 83 -11.08 -10.44 -0.71
N MET B 84 -10.37 -11.03 0.25
CA MET B 84 -8.96 -11.36 0.07
C MET B 84 -8.82 -12.40 -1.06
N PHE B 85 -9.66 -13.44 -1.02
CA PHE B 85 -9.56 -14.46 -2.02
C PHE B 85 -10.01 -13.98 -3.38
N THR B 86 -10.84 -12.94 -3.37
CA THR B 86 -11.31 -12.37 -4.62
C THR B 86 -10.20 -11.56 -5.24
N ALA B 87 -9.51 -10.78 -4.42
CA ALA B 87 -8.33 -10.08 -4.88
C ALA B 87 -7.36 -11.03 -5.52
N LEU B 88 -7.09 -12.12 -4.82
CA LEU B 88 -6.11 -13.09 -5.27
C LEU B 88 -6.60 -13.79 -6.52
N ALA B 89 -7.89 -14.02 -6.65
CA ALA B 89 -8.41 -14.61 -7.85
C ALA B 89 -8.38 -13.61 -8.99
N SER B 90 -8.54 -12.34 -8.69
CA SER B 90 -8.67 -11.35 -9.75
C SER B 90 -7.49 -11.35 -10.73
N VAL B 91 -6.36 -11.95 -10.34
CA VAL B 91 -5.15 -11.95 -11.17
C VAL B 91 -4.56 -13.36 -11.33
N GLY B 92 -5.31 -14.40 -11.00
CA GLY B 92 -4.91 -15.74 -11.39
C GLY B 92 -4.18 -16.58 -10.36
N ILE B 93 -4.16 -16.10 -9.13
CA ILE B 93 -3.42 -16.77 -8.07
C ILE B 93 -4.23 -17.87 -7.42
N VAL B 94 -5.53 -17.66 -7.33
CA VAL B 94 -6.46 -18.70 -6.93
C VAL B 94 -7.74 -18.59 -7.79
N ARG B 95 -8.58 -19.60 -7.75
CA ARG B 95 -9.86 -19.54 -8.42
C ARG B 95 -10.88 -19.83 -7.33
N ARG B 96 -11.99 -19.11 -7.39
CA ARG B 96 -13.13 -19.29 -6.48
C ARG B 96 -14.17 -20.20 -7.18
N GLU B 97 -14.70 -21.16 -6.44
CA GLU B 97 -15.66 -22.14 -7.00
C GLU B 97 -16.66 -22.46 -5.93
N GLY B 98 -17.76 -21.74 -5.95
CA GLY B 98 -18.76 -21.86 -4.92
C GLY B 98 -18.21 -21.34 -3.62
N ALA B 99 -18.05 -22.22 -2.65
CA ALA B 99 -17.50 -21.85 -1.35
C ALA B 99 -16.01 -22.25 -1.23
N THR B 100 -15.45 -22.76 -2.32
CA THR B 100 -14.13 -23.34 -2.30
C THR B 100 -13.15 -22.38 -2.95
N VAL B 101 -11.95 -22.31 -2.39
CA VAL B 101 -10.86 -21.63 -3.06
C VAL B 101 -9.85 -22.69 -3.42
N VAL B 102 -9.36 -22.58 -4.64
CA VAL B 102 -8.60 -23.58 -5.28
C VAL B 102 -7.39 -22.86 -5.89
N VAL B 103 -6.25 -23.55 -5.89
CA VAL B 103 -5.02 -22.95 -6.35
C VAL B 103 -5.18 -22.61 -7.78
N GLY B 104 -4.56 -21.51 -8.18
CA GLY B 104 -4.62 -21.04 -9.53
C GLY B 104 -3.31 -21.27 -10.24
N PRO B 105 -3.28 -20.87 -11.52
CA PRO B 105 -2.10 -21.13 -12.32
C PRO B 105 -0.87 -20.41 -11.80
N TYR B 106 -1.08 -19.27 -11.13
CA TYR B 106 0.04 -18.46 -10.67
C TYR B 106 0.36 -18.71 -9.22
N PHE B 107 -0.31 -19.69 -8.63
CA PHE B 107 -0.16 -19.91 -7.21
C PHE B 107 1.25 -20.33 -6.78
N ASP B 108 1.83 -21.30 -7.47
CA ASP B 108 3.12 -21.85 -7.09
C ASP B 108 4.13 -20.75 -7.06
N GLU B 109 4.07 -19.89 -8.06
CA GLU B 109 5.05 -18.81 -8.17
C GLU B 109 4.80 -17.73 -7.11
N ALA B 110 3.54 -17.37 -6.87
CA ALA B 110 3.20 -16.33 -5.90
C ALA B 110 3.54 -16.77 -4.51
N ASN B 111 3.23 -18.02 -4.23
CA ASN B 111 3.52 -18.59 -2.92
C ASN B 111 4.99 -18.65 -2.69
N HIS B 112 5.73 -19.00 -3.72
CA HIS B 112 7.20 -19.07 -3.61
C HIS B 112 7.76 -17.74 -3.13
N HIS B 113 7.18 -16.64 -3.64
CA HIS B 113 7.69 -15.30 -3.32
C HIS B 113 6.86 -14.52 -2.31
N ARG B 114 5.97 -15.21 -1.63
CA ARG B 114 5.05 -14.55 -0.73
C ARG B 114 5.77 -13.58 0.21
N SER B 115 6.94 -13.94 0.73
CA SER B 115 7.65 -13.07 1.70
C SER B 115 8.13 -11.78 1.04
N LEU B 116 8.31 -11.81 -0.26
CA LEU B 116 8.67 -10.57 -1.00
C LEU B 116 7.48 -9.66 -1.11
N PHE B 117 6.30 -10.24 -1.38
CA PHE B 117 5.10 -9.44 -1.42
C PHE B 117 4.84 -8.88 -0.03
N HIS B 118 5.06 -9.70 1.00
CA HIS B 118 4.87 -9.30 2.39
C HIS B 118 5.74 -8.08 2.75
N TRP B 119 7.00 -8.18 2.38
CA TRP B 119 7.98 -7.10 2.54
C TRP B 119 7.50 -5.82 1.89
N LEU B 120 7.09 -5.92 0.64
CA LEU B 120 6.60 -4.77 -0.10
C LEU B 120 5.43 -4.08 0.56
N ASN B 121 4.51 -4.86 1.10
CA ASN B 121 3.20 -4.37 1.57
C ASN B 121 3.10 -4.24 3.10
N GLN B 122 2.99 -5.37 3.77
CA GLN B 122 2.93 -5.39 5.23
C GLN B 122 4.17 -4.74 5.83
N GLY B 123 5.34 -5.07 5.29
CA GLY B 123 6.59 -4.49 5.80
C GLY B 123 6.76 -3.00 5.47
N SER B 124 6.71 -2.67 4.16
CA SER B 124 7.16 -1.36 3.63
C SER B 124 6.08 -0.51 2.97
N GLY B 125 4.81 -0.93 3.11
CA GLY B 125 3.67 -0.23 2.53
C GLY B 125 3.60 1.24 2.91
N GLU B 126 3.83 1.55 4.19
CA GLU B 126 3.82 2.96 4.66
C GLU B 126 4.82 3.86 3.93
N LEU B 127 5.97 3.30 3.53
CA LEU B 127 6.93 4.07 2.76
C LEU B 127 6.36 4.47 1.41
N PHE B 128 5.92 3.46 0.66
CA PHE B 128 5.48 3.65 -0.71
C PHE B 128 4.19 4.42 -0.80
N ARG B 129 3.31 4.24 0.19
CA ARG B 129 2.10 5.03 0.28
C ARG B 129 2.43 6.49 0.29
N ARG B 130 3.47 6.84 1.06
CA ARG B 130 3.76 8.24 1.39
C ARG B 130 4.75 8.85 0.40
N MET B 131 4.78 8.28 -0.80
CA MET B 131 5.58 8.74 -1.91
C MET B 131 5.57 10.25 -2.15
N PRO B 132 4.38 10.91 -2.12
CA PRO B 132 4.39 12.37 -2.37
C PRO B 132 4.88 13.22 -1.22
N GLN B 133 4.87 12.67 -0.01
CA GLN B 133 5.42 13.34 1.19
C GLN B 133 6.92 13.07 1.33
N VAL B 134 7.37 11.93 0.82
CA VAL B 134 8.74 11.45 0.99
C VAL B 134 9.68 11.99 -0.08
N LEU B 135 9.24 12.10 -1.34
CA LEU B 135 10.12 12.57 -2.42
C LEU B 135 10.60 14.03 -2.36
N PRO B 136 9.79 14.96 -1.83
CA PRO B 136 10.21 16.35 -1.77
C PRO B 136 11.34 16.62 -0.77
N ASN B 137 12.41 17.23 -1.25
CA ASN B 137 13.62 17.39 -0.43
C ASN B 137 13.34 18.10 0.90
N GLU B 138 12.41 19.04 0.85
CA GLU B 138 11.96 19.77 2.01
C GLU B 138 11.58 18.87 3.19
N ASN B 139 11.00 17.70 2.95
CA ASN B 139 10.60 16.81 4.07
C ASN B 139 11.56 15.66 4.37
N ARG B 140 12.76 15.68 3.79
CA ARG B 140 13.72 14.62 4.00
C ARG B 140 14.71 14.94 5.11
N THR B 141 14.16 15.11 6.32
CA THR B 141 14.94 15.33 7.54
C THR B 141 14.29 14.58 8.70
N GLY B 142 15.07 14.31 9.73
CA GLY B 142 14.58 13.53 10.86
C GLY B 142 14.09 12.17 10.40
N LYS B 143 13.04 11.69 11.07
CA LYS B 143 12.44 10.40 10.76
C LYS B 143 11.24 10.62 9.81
N PHE B 144 11.55 10.74 8.52
CA PHE B 144 10.58 11.17 7.50
C PHE B 144 9.75 10.05 6.82
N TYR B 145 10.16 8.79 6.99
CA TYR B 145 9.35 7.67 6.60
C TYR B 145 9.16 6.73 7.79
N GLN B 146 8.31 5.73 7.61
CA GLN B 146 8.03 4.80 8.69
C GLN B 146 7.71 3.50 8.01
N ARG B 147 8.18 2.38 8.60
CA ARG B 147 7.80 1.04 8.20
C ARG B 147 7.48 0.16 9.40
N ASP B 148 6.95 -1.04 9.12
CA ASP B 148 6.50 -1.95 10.17
C ASP B 148 7.61 -2.97 10.45
N ALA B 149 8.38 -2.67 11.50
CA ALA B 149 9.59 -3.40 11.87
C ALA B 149 9.30 -4.87 12.16
N GLY B 150 8.20 -5.16 12.86
CA GLY B 150 7.84 -6.51 13.14
C GLY B 150 7.44 -7.27 11.89
N ALA B 151 6.74 -6.59 10.97
CA ALA B 151 6.31 -7.20 9.71
C ALA B 151 7.54 -7.49 8.83
N ILE B 152 8.47 -6.55 8.81
CA ILE B 152 9.71 -6.72 8.05
C ILE B 152 10.54 -7.92 8.52
N SER B 153 10.68 -8.08 9.82
CA SER B 153 11.49 -9.17 10.37
C SER B 153 10.76 -10.50 10.13
N TYR B 154 9.44 -10.44 10.23
CA TYR B 154 8.63 -11.58 9.87
C TYR B 154 8.95 -12.10 8.46
N ALA B 155 8.98 -11.21 7.48
CA ALA B 155 9.24 -11.63 6.08
C ALA B 155 10.69 -12.02 5.96
N CYS B 156 11.56 -11.20 6.56
CA CYS B 156 13.01 -11.40 6.43
C CYS B 156 13.43 -12.77 6.92
N ARG B 157 12.68 -13.37 7.85
CA ARG B 157 13.00 -14.74 8.29
C ARG B 157 12.85 -15.76 7.16
N GLU B 158 11.79 -15.65 6.37
CA GLU B 158 11.62 -16.52 5.21
C GLU B 158 12.52 -16.11 4.05
N ILE B 159 12.81 -14.81 3.90
CA ILE B 159 13.74 -14.38 2.84
C ILE B 159 15.09 -15.06 3.04
N SER B 160 15.58 -14.97 4.27
CA SER B 160 16.84 -15.62 4.64
C SER B 160 16.84 -17.11 4.38
N GLU B 161 15.75 -17.73 4.84
CA GLU B 161 15.65 -19.17 4.83
C GLU B 161 15.37 -19.66 3.43
N ARG B 162 14.67 -18.88 2.65
CA ARG B 162 14.26 -19.36 1.36
C ARG B 162 15.27 -19.00 0.29
N TYR B 163 15.85 -17.81 0.36
CA TYR B 163 16.74 -17.39 -0.73
C TYR B 163 18.24 -17.51 -0.41
N PHE B 164 18.62 -17.25 0.83
CA PHE B 164 20.03 -17.28 1.21
C PHE B 164 20.51 -18.61 1.82
N ASP B 165 19.62 -19.45 2.33
CA ASP B 165 20.11 -20.63 3.06
C ASP B 165 20.91 -21.61 2.21
N PRO B 166 20.43 -21.95 1.02
CA PRO B 166 21.26 -22.82 0.16
C PRO B 166 22.74 -22.34 0.05
N ALA B 167 22.94 -21.10 -0.39
CA ALA B 167 24.27 -20.55 -0.43
C ALA B 167 24.93 -20.52 0.96
N PHE B 168 24.19 -20.09 1.96
CA PHE B 168 24.78 -19.93 3.28
C PHE B 168 25.37 -21.23 3.78
N TRP B 169 24.61 -22.31 3.69
CA TRP B 169 25.10 -23.63 4.13
C TRP B 169 26.17 -24.19 3.20
N ALA B 170 26.10 -23.87 1.92
CA ALA B 170 27.16 -24.23 0.98
C ALA B 170 28.49 -23.57 1.42
N ALA B 171 28.45 -22.29 1.71
CA ALA B 171 29.63 -21.61 2.23
C ALA B 171 30.16 -22.34 3.45
N VAL B 172 29.26 -22.73 4.35
CA VAL B 172 29.66 -23.30 5.63
C VAL B 172 30.27 -24.68 5.44
N ASP B 173 29.66 -25.44 4.53
CA ASP B 173 30.16 -26.75 4.12
C ASP B 173 31.56 -26.69 3.49
N GLY B 174 32.04 -25.52 3.08
CA GLY B 174 33.28 -25.43 2.30
C GLY B 174 34.31 -24.55 2.95
N LEU B 175 34.09 -24.20 4.21
CA LEU B 175 35.04 -23.35 4.94
C LEU B 175 36.47 -23.85 5.05
N GLY B 176 36.66 -25.15 5.15
CA GLY B 176 37.99 -25.71 5.41
C GLY B 176 38.41 -25.58 6.87
N TYR B 177 37.45 -25.25 7.72
CA TYR B 177 37.66 -25.40 9.15
C TYR B 177 36.29 -25.49 9.84
N THR B 178 36.32 -25.81 11.12
CA THR B 178 35.13 -25.96 11.92
C THR B 178 35.19 -24.84 12.92
N PRO B 179 34.18 -23.97 12.90
CA PRO B 179 34.25 -22.76 13.71
C PRO B 179 34.00 -23.08 15.19
N THR B 180 34.62 -22.33 16.07
CA THR B 180 34.45 -22.55 17.50
C THR B 180 33.44 -21.56 18.07
N THR B 181 33.42 -20.36 17.49
CA THR B 181 32.61 -19.24 17.96
C THR B 181 32.16 -18.42 16.75
N VAL B 182 30.85 -18.19 16.65
CA VAL B 182 30.26 -17.51 15.51
C VAL B 182 29.59 -16.21 15.91
N ALA B 183 29.83 -15.17 15.13
CA ALA B 183 29.24 -13.88 15.35
C ALA B 183 28.39 -13.55 14.16
N ASP B 184 27.10 -13.31 14.43
CA ASP B 184 26.13 -12.99 13.42
C ASP B 184 25.76 -11.52 13.60
N LEU B 185 26.07 -10.68 12.62
CA LEU B 185 25.61 -9.29 12.66
C LEU B 185 24.20 -9.22 12.04
N GLY B 186 23.31 -8.47 12.69
CA GLY B 186 21.89 -8.52 12.37
C GLY B 186 21.37 -9.92 12.61
N SER B 187 21.43 -10.35 13.87
CA SER B 187 21.05 -11.71 14.27
C SER B 187 19.54 -11.95 14.26
N GLY B 188 18.78 -10.84 14.27
CA GLY B 188 17.33 -10.87 14.13
C GLY B 188 16.73 -11.71 15.21
N SER B 189 16.05 -12.79 14.81
CA SER B 189 15.43 -13.75 15.73
C SER B 189 16.45 -14.61 16.50
N GLY B 190 17.63 -14.81 15.92
CA GLY B 190 18.66 -15.71 16.48
C GLY B 190 18.61 -17.09 15.85
N GLU B 191 17.65 -17.27 14.94
CA GLU B 191 17.43 -18.55 14.24
C GLU B 191 18.66 -19.04 13.48
N ARG B 192 19.46 -18.12 12.93
CA ARG B 192 20.68 -18.49 12.18
C ARG B 192 21.63 -19.18 13.10
N LEU B 193 21.83 -18.55 14.27
CA LEU B 193 22.67 -19.14 15.31
C LEU B 193 22.15 -20.46 15.88
N ILE B 194 20.84 -20.63 16.05
CA ILE B 194 20.30 -21.91 16.53
C ILE B 194 20.64 -23.05 15.57
N GLN B 195 20.49 -22.80 14.29
CA GLN B 195 20.83 -23.80 13.28
C GLN B 195 22.32 -24.13 13.35
N ILE B 196 23.16 -23.09 13.40
CA ILE B 196 24.59 -23.31 13.58
C ILE B 196 24.88 -24.25 14.75
N ALA B 197 24.27 -23.93 15.89
CA ALA B 197 24.35 -24.76 17.10
C ALA B 197 23.90 -26.19 16.84
N ARG B 198 22.76 -26.34 16.17
CA ARG B 198 22.31 -27.66 15.80
C ARG B 198 23.42 -28.35 15.01
N ARG B 199 24.00 -27.64 14.05
CA ARG B 199 25.02 -28.21 13.19
C ARG B 199 26.34 -28.54 13.93
N PHE B 200 26.75 -27.68 14.86
CA PHE B 200 28.05 -27.77 15.52
C PHE B 200 27.92 -27.66 17.05
N PRO B 201 27.52 -28.77 17.70
CA PRO B 201 27.05 -28.69 19.08
C PRO B 201 28.01 -27.99 20.04
N GLY B 202 29.31 -28.14 19.83
CA GLY B 202 30.30 -27.48 20.69
C GLY B 202 30.52 -25.97 20.49
N VAL B 203 29.75 -25.36 19.57
CA VAL B 203 30.03 -23.98 19.13
C VAL B 203 29.41 -22.93 20.05
N ARG B 204 30.01 -21.74 20.05
CA ARG B 204 29.57 -20.57 20.80
C ARG B 204 28.91 -19.54 19.88
N GLY B 205 27.61 -19.33 20.05
CA GLY B 205 26.87 -18.32 19.29
C GLY B 205 27.05 -16.94 19.87
N LEU B 206 26.84 -15.94 19.04
CA LEU B 206 27.01 -14.58 19.47
C LEU B 206 26.23 -13.63 18.57
N GLY B 207 25.02 -13.30 18.99
CA GLY B 207 24.19 -12.39 18.23
C GLY B 207 24.58 -10.97 18.50
N VAL B 208 24.73 -10.20 17.44
CA VAL B 208 24.91 -8.77 17.53
C VAL B 208 23.82 -8.07 16.72
N ASP B 209 22.75 -7.64 17.39
CA ASP B 209 21.70 -6.86 16.74
C ASP B 209 21.67 -5.49 17.39
N ILE B 210 21.00 -4.56 16.74
CA ILE B 210 20.96 -3.17 17.23
C ILE B 210 19.79 -2.92 18.20
N ALA B 211 18.84 -3.84 18.22
CA ALA B 211 17.57 -3.60 18.91
C ALA B 211 17.57 -4.30 20.27
N ASP B 212 17.59 -3.54 21.36
CA ASP B 212 17.57 -4.12 22.73
C ASP B 212 16.43 -5.13 22.93
N GLY B 213 15.30 -4.92 22.24
CA GLY B 213 14.12 -5.77 22.35
C GLY B 213 14.01 -6.88 21.30
N ALA B 214 14.81 -6.77 20.23
CA ALA B 214 15.02 -7.90 19.31
C ALA B 214 15.93 -8.93 19.99
N ILE B 215 16.88 -8.46 20.80
CA ILE B 215 17.67 -9.29 21.73
C ILE B 215 16.75 -10.14 22.61
N ALA B 216 15.80 -9.46 23.25
CA ALA B 216 14.90 -10.05 24.24
C ALA B 216 14.15 -11.26 23.71
N MET B 217 13.47 -11.11 22.58
CA MET B 217 12.72 -12.24 22.02
C MET B 217 13.66 -13.25 21.37
N ALA B 218 14.92 -12.88 21.15
CA ALA B 218 15.93 -13.86 20.71
C ALA B 218 16.45 -14.65 21.90
N GLU B 219 16.90 -13.93 22.94
CA GLU B 219 17.36 -14.55 24.20
C GLU B 219 16.31 -15.52 24.72
N LYS B 220 15.16 -14.98 25.12
CA LYS B 220 14.01 -15.80 25.50
C LYS B 220 13.40 -16.32 24.21
N GLU B 221 13.79 -17.53 23.81
CA GLU B 221 13.45 -18.17 22.52
C GLU B 221 14.57 -19.15 22.17
N VAL B 222 15.80 -18.63 22.28
CA VAL B 222 16.99 -19.44 22.40
C VAL B 222 16.85 -20.25 23.70
N ALA B 223 16.72 -19.52 24.81
CA ALA B 223 16.46 -20.15 26.11
C ALA B 223 15.31 -21.15 25.99
N ALA B 224 14.14 -20.68 25.55
CA ALA B 224 12.94 -21.53 25.43
C ALA B 224 13.10 -22.82 24.60
N LYS B 225 14.11 -22.87 23.74
CA LYS B 225 14.45 -24.08 22.97
C LYS B 225 15.66 -24.81 23.55
N GLY B 226 16.47 -24.07 24.33
CA GLY B 226 17.51 -24.64 25.19
C GLY B 226 18.93 -24.54 24.67
N PHE B 227 19.32 -23.34 24.23
CA PHE B 227 20.66 -23.08 23.68
C PHE B 227 21.27 -21.91 24.46
N GLY B 228 20.83 -21.73 25.70
CA GLY B 228 21.16 -20.54 26.50
C GLY B 228 22.61 -20.40 26.97
N ASP B 229 23.27 -21.53 27.20
CA ASP B 229 24.70 -21.50 27.49
C ASP B 229 25.53 -21.37 26.20
N GLN B 230 24.98 -21.78 25.05
CA GLN B 230 25.69 -21.71 23.76
C GLN B 230 25.63 -20.32 23.13
N ILE B 231 24.43 -19.82 22.88
CA ILE B 231 24.21 -18.54 22.18
C ILE B 231 23.92 -17.41 23.17
N SER B 232 24.81 -16.43 23.23
CA SER B 232 24.53 -15.25 24.01
C SER B 232 24.32 -14.08 23.02
N PHE B 233 23.94 -12.90 23.51
CA PHE B 233 23.56 -11.77 22.63
C PHE B 233 24.09 -10.42 23.09
N VAL B 234 24.40 -9.53 22.16
CA VAL B 234 24.83 -8.20 22.54
C VAL B 234 24.32 -7.12 21.62
N ARG B 235 24.05 -5.95 22.22
CA ARG B 235 23.62 -4.81 21.44
C ARG B 235 24.86 -4.32 20.72
N GLY B 236 24.66 -3.78 19.53
CA GLY B 236 25.75 -3.35 18.70
C GLY B 236 25.33 -3.10 17.27
N ASP B 237 26.09 -2.24 16.62
CA ASP B 237 25.92 -1.96 15.23
C ASP B 237 27.29 -2.07 14.56
N ALA B 238 27.39 -3.01 13.61
CA ALA B 238 28.55 -3.20 12.76
C ALA B 238 29.24 -1.90 12.35
N ARG B 239 28.44 -0.93 11.93
CA ARG B 239 28.98 0.33 11.46
C ARG B 239 29.74 1.09 12.54
N THR B 240 29.37 0.86 13.80
CA THR B 240 30.08 1.41 14.95
C THR B 240 30.40 0.29 15.96
N ILE B 241 31.03 -0.78 15.44
CA ILE B 241 31.32 -2.02 16.18
C ILE B 241 32.45 -1.86 17.21
N ASP B 242 33.36 -0.90 16.99
CA ASP B 242 34.40 -0.61 17.98
C ASP B 242 33.81 -0.13 19.32
N GLN B 243 32.60 0.46 19.28
CA GLN B 243 31.91 0.94 20.48
C GLN B 243 30.81 0.00 20.91
N VAL B 244 31.20 -1.16 21.44
CA VAL B 244 30.24 -2.17 21.91
C VAL B 244 30.67 -2.69 23.29
N SER B 245 29.70 -3.07 24.11
CA SER B 245 29.90 -3.21 25.55
C SER B 245 29.76 -4.63 26.09
N ALA B 246 30.29 -5.60 25.37
CA ALA B 246 30.42 -6.94 25.88
C ALA B 246 31.28 -7.72 24.90
N ARG B 247 32.49 -7.20 24.69
CA ARG B 247 33.43 -7.72 23.69
C ARG B 247 34.20 -8.95 24.18
N GLY B 248 33.84 -9.44 25.36
CA GLY B 248 34.53 -10.57 25.93
C GLY B 248 34.82 -11.62 24.88
N GLU B 249 33.79 -11.98 24.10
CA GLU B 249 33.93 -13.13 23.24
C GLU B 249 34.47 -12.84 21.83
N PHE B 250 34.74 -11.57 21.54
CA PHE B 250 35.09 -11.12 20.19
C PHE B 250 36.40 -11.64 19.61
N ALA B 251 37.42 -11.83 20.46
CA ALA B 251 38.70 -12.32 19.97
C ALA B 251 38.61 -13.81 19.67
N GLU B 252 37.61 -14.49 20.22
CA GLU B 252 37.43 -15.93 19.99
C GLU B 252 36.65 -16.21 18.70
N VAL B 253 36.01 -15.19 18.13
CA VAL B 253 35.19 -15.42 16.95
C VAL B 253 36.09 -15.79 15.77
N ASP B 254 35.86 -16.98 15.23
CA ASP B 254 36.58 -17.40 14.03
C ASP B 254 35.70 -17.46 12.81
N LEU B 255 34.37 -17.32 12.98
CA LEU B 255 33.46 -17.15 11.87
C LEU B 255 32.54 -15.98 12.10
N LEU B 256 32.46 -15.11 11.11
CA LEU B 256 31.61 -13.94 11.14
C LEU B 256 30.56 -14.05 10.02
N THR B 257 29.30 -13.77 10.33
CA THR B 257 28.23 -13.74 9.33
C THR B 257 27.49 -12.40 9.38
N CYS B 258 27.01 -11.96 8.23
CA CYS B 258 26.25 -10.73 8.14
C CYS B 258 25.34 -10.79 6.92
N PHE B 259 24.03 -10.86 7.13
CA PHE B 259 23.08 -11.10 6.04
C PHE B 259 22.04 -10.00 5.95
N MET B 260 21.81 -9.54 4.72
CA MET B 260 20.68 -8.68 4.36
C MET B 260 20.86 -7.26 4.88
N MET B 261 22.08 -6.85 5.19
CA MET B 261 22.29 -5.51 5.72
C MET B 261 23.55 -4.84 5.26
N GLY B 262 24.32 -5.49 4.41
CA GLY B 262 25.59 -4.92 4.01
C GLY B 262 25.43 -3.56 3.37
N HIS B 263 24.40 -3.42 2.54
CA HIS B 263 24.16 -2.15 1.84
C HIS B 263 24.02 -1.00 2.82
N ASP B 264 23.64 -1.30 4.06
CA ASP B 264 23.56 -0.26 5.09
C ASP B 264 24.92 0.29 5.52
N PHE B 265 26.00 -0.40 5.21
CA PHE B 265 27.35 0.13 5.48
C PHE B 265 27.75 1.29 4.56
N TRP B 266 27.06 1.41 3.43
CA TRP B 266 27.47 2.33 2.33
C TRP B 266 26.98 3.73 2.66
N PRO B 267 27.43 4.76 1.92
CA PRO B 267 28.35 4.85 0.76
C PRO B 267 29.72 4.23 0.91
N ARG B 268 30.41 4.13 -0.22
CA ARG B 268 31.75 3.52 -0.28
C ARG B 268 32.70 3.80 0.89
N GLU B 269 32.97 5.07 1.20
CA GLU B 269 33.96 5.37 2.24
C GLU B 269 33.49 4.82 3.59
N ASN B 270 32.22 4.97 3.88
CA ASN B 270 31.71 4.41 5.11
C ASN B 270 31.93 2.91 5.14
N CYS B 271 31.69 2.27 4.00
CA CYS B 271 31.81 0.82 3.89
C CYS B 271 33.24 0.38 4.14
N VAL B 272 34.19 1.12 3.59
CA VAL B 272 35.61 0.85 3.87
C VAL B 272 35.91 0.86 5.36
N GLN B 273 35.42 1.90 6.03
CA GLN B 273 35.60 2.04 7.45
C GLN B 273 34.96 0.93 8.24
N THR B 274 33.71 0.64 7.91
CA THR B 274 32.99 -0.42 8.65
C THR B 274 33.63 -1.81 8.45
N LEU B 275 34.13 -2.07 7.25
CA LEU B 275 34.81 -3.31 6.98
C LEU B 275 36.10 -3.41 7.80
N ARG B 276 36.89 -2.32 7.81
CA ARG B 276 38.10 -2.22 8.66
C ARG B 276 37.81 -2.44 10.12
N LYS B 277 36.82 -1.70 10.60
CA LYS B 277 36.35 -1.89 11.97
C LYS B 277 35.98 -3.34 12.33
N LEU B 278 35.43 -4.10 11.39
CA LEU B 278 35.09 -5.52 11.63
C LEU B 278 36.36 -6.37 11.61
N ARG B 279 37.20 -6.08 10.65
CA ARG B 279 38.48 -6.71 10.61
C ARG B 279 39.18 -6.59 12.01
N ALA B 280 39.26 -5.38 12.57
CA ALA B 280 40.04 -5.15 13.80
C ALA B 280 39.37 -5.68 15.03
N ALA B 281 38.06 -5.75 15.01
CA ALA B 281 37.25 -6.21 16.12
C ALA B 281 37.10 -7.74 16.20
N PHE B 282 37.22 -8.41 15.06
CA PHE B 282 37.15 -9.85 15.05
C PHE B 282 38.42 -10.38 14.42
N PRO B 283 39.53 -10.24 15.16
CA PRO B 283 40.81 -10.34 14.50
C PRO B 283 41.19 -11.79 14.21
N ASN B 284 40.48 -12.74 14.82
CA ASN B 284 40.74 -14.16 14.58
C ASN B 284 39.66 -14.86 13.74
N VAL B 285 38.76 -14.05 13.18
CA VAL B 285 37.85 -14.51 12.17
C VAL B 285 38.66 -15.04 11.01
N ARG B 286 38.32 -16.26 10.59
CA ARG B 286 38.94 -16.83 9.39
C ARG B 286 38.14 -16.53 8.12
N ARG B 287 36.86 -16.84 8.10
CA ARG B 287 36.03 -16.42 7.01
C ARG B 287 34.93 -15.54 7.52
N PHE B 288 34.55 -14.56 6.71
CA PHE B 288 33.46 -13.64 6.96
C PHE B 288 32.46 -13.89 5.83
N LEU B 289 31.28 -14.39 6.17
CA LEU B 289 30.22 -14.64 5.21
C LEU B 289 29.29 -13.42 5.10
N LEU B 290 29.24 -12.85 3.91
CA LEU B 290 28.56 -11.59 3.74
C LEU B 290 27.57 -11.74 2.64
N GLY B 291 26.29 -11.68 3.01
CA GLY B 291 25.17 -11.90 2.08
C GLY B 291 24.20 -10.74 1.94
N ASP B 292 23.89 -10.38 0.71
CA ASP B 292 23.00 -9.27 0.51
C ASP B 292 22.44 -9.26 -0.89
N ALA B 293 21.40 -8.46 -1.05
CA ALA B 293 20.91 -8.11 -2.36
C ALA B 293 21.59 -6.85 -2.77
N THR B 294 21.77 -6.72 -4.09
CA THR B 294 22.48 -5.59 -4.75
C THR B 294 21.58 -4.89 -5.81
N ARG B 295 22.01 -3.70 -6.24
CA ARG B 295 21.37 -2.95 -7.34
C ARG B 295 21.72 -3.49 -8.72
N THR B 296 20.70 -3.75 -9.49
CA THR B 296 20.87 -4.33 -10.80
C THR B 296 21.20 -3.20 -11.73
N VAL B 297 21.71 -3.54 -12.93
CA VAL B 297 21.98 -2.54 -13.96
C VAL B 297 21.45 -3.00 -15.27
N GLY B 298 20.78 -2.07 -15.96
CA GLY B 298 20.36 -2.26 -17.33
C GLY B 298 19.26 -3.26 -17.59
N ILE B 299 18.41 -3.57 -16.63
CA ILE B 299 17.30 -4.47 -16.93
C ILE B 299 16.20 -3.63 -17.55
N PRO B 300 15.66 -4.06 -18.72
CA PRO B 300 14.55 -3.36 -19.37
C PRO B 300 13.35 -3.22 -18.44
N ASP B 301 12.74 -2.05 -18.49
CA ASP B 301 11.66 -1.70 -17.58
C ASP B 301 10.55 -2.74 -17.57
N ARG B 302 10.19 -3.29 -18.73
CA ARG B 302 9.13 -4.31 -18.83
C ARG B 302 9.57 -5.76 -18.62
N GLU B 303 10.85 -6.01 -18.38
CA GLU B 303 11.26 -7.35 -17.96
C GLU B 303 11.77 -7.40 -16.49
N LEU B 304 11.43 -6.39 -15.68
CA LEU B 304 11.87 -6.40 -14.29
C LEU B 304 11.33 -7.64 -13.58
N PRO B 305 12.20 -8.37 -12.88
CA PRO B 305 11.63 -9.49 -12.21
C PRO B 305 11.10 -9.03 -10.86
N VAL B 306 10.47 -9.96 -10.18
CA VAL B 306 9.91 -9.75 -8.90
C VAL B 306 10.97 -9.25 -7.95
N PHE B 307 10.55 -8.34 -7.08
CA PHE B 307 11.34 -7.76 -5.96
C PHE B 307 12.25 -6.61 -6.36
N THR B 308 12.98 -6.76 -7.46
CA THR B 308 14.01 -5.77 -7.83
C THR B 308 13.61 -4.30 -7.74
N LEU B 309 12.50 -3.95 -8.37
CA LEU B 309 12.04 -2.56 -8.36
C LEU B 309 11.74 -2.10 -6.93
N GLY B 310 11.20 -2.99 -6.12
CA GLY B 310 10.79 -2.61 -4.79
C GLY B 310 11.98 -2.40 -3.90
N PHE B 311 12.95 -3.30 -3.99
CA PHE B 311 14.15 -3.14 -3.25
C PHE B 311 14.86 -1.83 -3.68
N GLU B 312 14.98 -1.63 -4.96
CA GLU B 312 15.76 -0.50 -5.42
C GLU B 312 15.05 0.80 -5.19
N PHE B 313 13.78 0.86 -5.59
CA PHE B 313 13.01 2.10 -5.44
C PHE B 313 12.83 2.41 -3.94
N GLY B 314 12.56 1.41 -3.13
CA GLY B 314 12.37 1.63 -1.70
C GLY B 314 13.56 2.23 -0.97
N HIS B 315 14.74 1.71 -1.27
CA HIS B 315 15.97 2.26 -0.75
C HIS B 315 16.31 3.65 -1.28
N ASP B 316 16.09 3.92 -2.56
CA ASP B 316 16.22 5.33 -3.05
C ASP B 316 15.27 6.28 -2.30
N MET B 317 14.04 5.83 -2.07
CA MET B 317 13.10 6.62 -1.31
C MET B 317 13.63 6.79 0.12
N MET B 318 14.32 5.79 0.65
CA MET B 318 14.81 5.88 2.01
C MET B 318 16.12 6.65 2.16
N GLY B 319 16.69 7.13 1.06
CA GLY B 319 18.02 7.77 1.11
C GLY B 319 19.15 6.81 1.45
N VAL B 320 18.98 5.54 1.13
CA VAL B 320 19.95 4.52 1.50
C VAL B 320 20.68 4.08 0.24
N TYR B 321 22.01 4.18 0.28
CA TYR B 321 22.86 3.82 -0.85
C TYR B 321 22.82 2.31 -1.04
N LEU B 322 22.70 1.91 -2.31
CA LEU B 322 22.60 0.49 -2.66
C LEU B 322 23.65 0.22 -3.72
N PRO B 323 24.65 -0.62 -3.41
CA PRO B 323 25.74 -0.95 -4.33
C PRO B 323 25.42 -2.02 -5.35
N THR B 324 26.13 -1.98 -6.47
CA THR B 324 26.06 -3.03 -7.46
C THR B 324 26.97 -4.16 -7.01
N LEU B 325 26.96 -5.24 -7.76
CA LEU B 325 27.89 -6.33 -7.52
C LEU B 325 29.34 -5.85 -7.72
N ASP B 326 29.56 -5.00 -8.74
CA ASP B 326 30.90 -4.54 -9.07
C ASP B 326 31.44 -3.56 -8.02
N GLU B 327 30.57 -2.74 -7.47
CA GLU B 327 31.03 -1.88 -6.40
C GLU B 327 31.48 -2.69 -5.17
N TRP B 328 30.72 -3.70 -4.76
CA TRP B 328 31.19 -4.55 -3.69
C TRP B 328 32.55 -5.18 -4.04
N ASP B 329 32.65 -5.80 -5.21
CA ASP B 329 33.88 -6.41 -5.71
C ASP B 329 35.04 -5.47 -5.46
N GLY B 330 34.86 -4.24 -5.89
CA GLY B 330 35.94 -3.26 -5.79
C GLY B 330 36.29 -2.70 -4.43
N VAL B 331 35.56 -3.06 -3.36
CA VAL B 331 35.75 -2.36 -2.07
C VAL B 331 36.47 -3.19 -1.01
N PHE B 332 36.35 -4.50 -1.11
CA PHE B 332 36.88 -5.38 -0.07
C PHE B 332 38.38 -5.19 0.25
N GLU B 333 39.24 -5.08 -0.76
CA GLU B 333 40.68 -4.99 -0.51
C GLU B 333 40.94 -3.76 0.36
N GLU B 334 40.39 -2.63 -0.03
CA GLU B 334 40.51 -1.42 0.80
C GLU B 334 39.91 -1.57 2.19
N GLY B 335 38.81 -2.32 2.30
CA GLY B 335 38.23 -2.64 3.59
C GLY B 335 39.04 -3.62 4.40
N GLY B 336 40.18 -4.04 3.88
CA GLY B 336 41.09 -4.91 4.63
C GLY B 336 40.71 -6.37 4.60
N TRP B 337 39.94 -6.76 3.57
CA TRP B 337 39.54 -8.14 3.37
C TRP B 337 39.90 -8.67 1.97
N ARG B 338 39.96 -9.99 1.85
CA ARG B 338 40.23 -10.62 0.57
C ARG B 338 39.12 -11.59 0.19
N CYS B 339 38.51 -11.37 -0.96
CA CYS B 339 37.35 -12.14 -1.34
C CYS B 339 37.84 -13.44 -1.97
N VAL B 340 37.49 -14.57 -1.35
CA VAL B 340 37.96 -15.89 -1.79
C VAL B 340 36.92 -16.74 -2.50
N LYS B 341 35.66 -16.41 -2.30
CA LYS B 341 34.55 -17.13 -2.88
C LYS B 341 33.38 -16.20 -2.98
N LYS B 342 32.53 -16.46 -3.97
CA LYS B 342 31.34 -15.68 -4.26
C LYS B 342 30.24 -16.62 -4.76
N HIS B 343 29.03 -16.49 -4.21
CA HIS B 343 27.90 -17.36 -4.55
C HIS B 343 26.76 -16.51 -5.10
N ALA B 344 26.24 -16.86 -6.26
CA ALA B 344 24.99 -16.28 -6.72
C ALA B 344 23.81 -16.93 -6.06
N ILE B 345 22.75 -16.14 -5.83
CA ILE B 345 21.49 -16.59 -5.25
C ILE B 345 20.45 -16.68 -6.38
N ASP B 346 19.50 -17.61 -6.23
CA ASP B 346 18.32 -17.76 -7.11
C ASP B 346 16.95 -17.50 -6.42
N SER B 347 16.10 -16.68 -7.03
CA SER B 347 16.55 -15.49 -7.66
C SER B 347 15.80 -14.38 -6.94
N LEU B 348 16.57 -13.68 -6.13
CA LEU B 348 16.10 -12.55 -5.36
C LEU B 348 16.76 -11.33 -6.03
N SER B 349 16.25 -10.93 -7.20
CA SER B 349 16.94 -9.89 -7.99
C SER B 349 18.40 -10.42 -8.19
N VAL B 350 19.42 -9.56 -8.06
CA VAL B 350 20.85 -9.97 -8.08
C VAL B 350 21.38 -10.00 -6.64
N SER B 351 21.39 -11.20 -6.04
CA SER B 351 21.79 -11.36 -4.67
C SER B 351 22.99 -12.25 -4.64
N VAL B 352 23.79 -12.13 -3.58
CA VAL B 352 25.09 -12.80 -3.55
C VAL B 352 25.48 -13.09 -2.12
N VAL B 353 26.41 -14.01 -1.94
CA VAL B 353 27.07 -14.24 -0.68
C VAL B 353 28.56 -14.23 -0.97
N PHE B 354 29.27 -13.31 -0.34
CA PHE B 354 30.71 -13.28 -0.43
C PHE B 354 31.33 -14.06 0.76
N GLU B 355 32.45 -14.72 0.48
CA GLU B 355 33.31 -15.23 1.52
C GLU B 355 34.59 -14.46 1.53
N LEU B 356 34.87 -13.83 2.68
CA LEU B 356 36.03 -12.97 2.88
C LEU B 356 36.98 -13.50 3.96
N GLU B 357 38.27 -13.33 3.75
CA GLU B 357 39.24 -13.65 4.80
C GLU B 357 40.35 -12.60 4.95
O4 ENO C . -17.03 5.50 0.36
C9 ENO C . -17.65 7.01 -2.09
C8 ENO C . -18.24 6.94 -3.33
C7 ENO C . -17.45 6.84 -4.46
C6 ENO C . -16.07 6.80 -4.35
C5 ENO C . -15.50 6.86 -3.12
C4 ENO C . -16.27 6.94 -1.99
O3 ENO C . -17.98 6.77 -5.70
C3 ENO C . -15.55 7.03 -0.67
C2 ENO C . -15.96 6.04 0.39
C1 ENO C . -15.07 5.77 1.50
O2 ENO C . -15.52 5.11 2.45
O1 ENO C . -13.89 6.22 1.48
FE FE D . -17.42 4.84 2.35
O4 34H E . -35.32 4.25 -6.98
C9 34H E . -37.91 4.92 -9.75
C8 34H E . -38.91 4.93 -10.73
C7 34H E . -38.71 5.70 -11.87
C6 34H E . -37.52 6.44 -12.03
C5 34H E . -36.54 6.42 -11.04
C4 34H E . -36.73 5.65 -9.90
O3 34H E . -39.66 5.71 -12.84
C3 34H E . -35.67 5.68 -8.82
C2 34H E . -35.23 4.27 -8.39
C1 34H E . -35.94 3.04 -8.97
O2 34H E . -35.68 2.73 -10.14
O1 34H E . -36.71 2.32 -8.29
CA CA F . 10.77 -12.74 -14.26
CA CA G . 3.89 1.12 9.30
CA CA H . 1.30 4.62 -27.47
CA CA I . -35.22 -1.82 -9.08
CA CA J . 12.27 16.34 -22.89
O4 ENO K . 17.28 -4.07 3.04
C9 ENO K . 17.62 -6.78 2.38
C8 ENO K . 18.17 -7.71 1.53
C7 ENO K . 17.37 -8.61 0.88
C6 ENO K . 15.99 -8.62 1.03
C5 ENO K . 15.44 -7.69 1.90
C4 ENO K . 16.26 -6.76 2.56
O3 ENO K . 17.96 -9.51 0.06
C3 ENO K . 15.61 -5.78 3.49
C2 ENO K . 16.16 -4.38 3.41
C1 ENO K . 15.34 -3.31 3.89
O2 ENO K . 14.21 -3.58 4.19
O1 ENO K . 15.84 -2.16 3.97
FE FE L . 17.80 -2.23 3.55
O4 34H M . 35.04 -9.91 -4.35
C9 34H M . 37.08 -12.41 -5.76
C8 34H M . 38.07 -13.20 -6.34
C7 34H M . 37.89 -14.57 -6.44
C6 34H M . 36.75 -15.17 -5.93
C5 34H M . 35.77 -14.39 -5.33
C4 34H M . 35.93 -13.01 -5.24
O3 34H M . 38.82 -15.36 -7.04
C3 34H M . 34.83 -12.22 -4.53
C2 34H M . 34.47 -10.89 -5.20
C1 34H M . 34.89 -10.64 -6.64
O2 34H M . 35.78 -9.77 -6.89
O1 34H M . 34.26 -11.23 -7.55
CA CA N . -3.01 6.34 7.49
CA CA O . -12.68 -28.04 0.33
CA CA P . 31.36 -28.78 17.05
CA CA Q . 36.11 5.87 -1.01
#